data_4I1D
#
_entry.id   4I1D
#
_cell.length_a   136.641
_cell.length_b   136.641
_cell.length_c   185.634
_cell.angle_alpha   90.00
_cell.angle_beta   90.00
_cell.angle_gamma   120.00
#
_symmetry.space_group_name_H-M   'P 32 2 1'
#
loop_
_entity.id
_entity.type
_entity.pdbx_description
1 polymer 'ABC transporter substrate-binding protein'
2 non-polymer 'SULFATE ION'
3 non-polymer GLYCEROL
4 non-polymer 'ACETATE ION'
5 non-polymer D-MALATE
6 water water
#
_entity_poly.entity_id   1
_entity_poly.type   'polypeptide(L)'
_entity_poly.pdbx_seq_one_letter_code
;SNAQITFVSQGGAYQAAQTVAILDPSAKKLGITINQDSIPDAWPAIKTQVGSGKPIWDVVDTPTGYCLRGGEQGLIEKLD
FSKIPNAAA(MSE)PEAYRSPYSVSYEFYSSVLAYSQKTFPKDAPNSWVDFWDVKKFPGRRALRNHPIATLEAAL(MSE)
ADGVAPDKLYPLDVDRAFKKLEEIKPHITVWWTSGAQSAQLLNDGEVD(MSE)E(MSE)AWNGRVSAVAKEGAKVSFTYN
QGILQSTSLCILKGAPNLETAVKFLNEAVDPVHQANLPLHIDYGPGNPKAFETNVIKPERAAQLPSEPANAAKQAL
(MSE)SYAWWSSPAGEAAEKRWASF(MSE)QK
;
_entity_poly.pdbx_strand_id   A,B,C,D
#
# COMPACT_ATOMS: atom_id res chain seq x y z
N ASN A 2 -35.22 -15.54 -11.85
CA ASN A 2 -34.06 -16.16 -12.47
C ASN A 2 -32.72 -15.68 -11.88
N ALA A 3 -31.95 -16.61 -11.33
CA ALA A 3 -30.72 -16.26 -10.63
C ALA A 3 -29.55 -15.88 -11.56
N GLN A 4 -28.62 -15.11 -11.02
CA GLN A 4 -27.54 -14.55 -11.82
C GLN A 4 -26.28 -14.34 -10.99
N ILE A 5 -25.17 -14.12 -11.71
CA ILE A 5 -23.93 -13.69 -11.12
C ILE A 5 -23.25 -12.76 -12.12
N THR A 6 -22.24 -12.04 -11.65
CA THR A 6 -21.39 -11.28 -12.55
C THR A 6 -20.00 -11.90 -12.52
N PHE A 7 -19.54 -12.34 -13.69
CA PHE A 7 -18.26 -13.00 -13.86
C PHE A 7 -17.28 -12.02 -14.52
N VAL A 8 -16.08 -11.88 -13.95
CA VAL A 8 -15.12 -10.90 -14.46
C VAL A 8 -13.80 -11.55 -14.90
N SER A 9 -13.37 -11.27 -16.12
CA SER A 9 -12.09 -11.76 -16.62
C SER A 9 -11.37 -10.65 -17.41
N GLN A 10 -10.48 -11.03 -18.32
CA GLN A 10 -9.60 -10.05 -18.97
C GLN A 10 -10.02 -9.62 -20.37
N GLY A 11 -11.19 -10.08 -20.81
CA GLY A 11 -11.75 -9.66 -22.08
C GLY A 11 -11.04 -10.23 -23.30
N GLY A 12 -11.32 -9.68 -24.48
CA GLY A 12 -10.61 -10.04 -25.69
C GLY A 12 -10.86 -11.46 -26.17
N ALA A 13 -9.92 -12.01 -26.94
CA ALA A 13 -10.10 -13.36 -27.49
C ALA A 13 -10.26 -14.38 -26.36
N TYR A 14 -9.49 -14.17 -25.29
CA TYR A 14 -9.53 -15.05 -24.13
C TYR A 14 -10.93 -15.15 -23.51
N GLN A 15 -11.56 -14.02 -23.20
CA GLN A 15 -12.89 -14.07 -22.59
C GLN A 15 -13.95 -14.57 -23.58
N ALA A 16 -13.76 -14.29 -24.87
CA ALA A 16 -14.72 -14.79 -25.86
C ALA A 16 -14.66 -16.32 -25.89
N ALA A 17 -13.47 -16.87 -25.75
CA ALA A 17 -13.27 -18.31 -25.78
C ALA A 17 -13.88 -18.96 -24.55
N GLN A 18 -13.76 -18.29 -23.41
CA GLN A 18 -14.36 -18.75 -22.17
C GLN A 18 -15.86 -18.82 -22.30
N THR A 19 -16.40 -17.85 -23.02
CA THR A 19 -17.84 -17.74 -23.18
C THR A 19 -18.36 -18.93 -23.95
N VAL A 20 -17.73 -19.26 -25.07
CA VAL A 20 -18.15 -20.38 -25.89
C VAL A 20 -17.99 -21.71 -25.15
N ALA A 21 -16.82 -21.90 -24.56
CA ALA A 21 -16.46 -23.16 -23.93
C ALA A 21 -17.08 -23.37 -22.55
N ILE A 22 -17.19 -22.29 -21.78
CA ILE A 22 -17.49 -22.42 -20.36
C ILE A 22 -18.73 -21.67 -19.84
N LEU A 23 -18.79 -20.36 -20.08
CA LEU A 23 -19.87 -19.55 -19.53
C LEU A 23 -21.25 -19.96 -20.08
N ASP A 24 -21.41 -19.93 -21.40
CA ASP A 24 -22.70 -20.30 -22.00
C ASP A 24 -23.18 -21.69 -21.62
N PRO A 25 -22.31 -22.71 -21.76
CA PRO A 25 -22.78 -24.05 -21.38
C PRO A 25 -23.12 -24.14 -19.89
N SER A 26 -22.32 -23.51 -19.04
CA SER A 26 -22.59 -23.49 -17.61
C SER A 26 -23.90 -22.78 -17.26
N ALA A 27 -24.13 -21.62 -17.86
CA ALA A 27 -25.36 -20.87 -17.65
C ALA A 27 -26.58 -21.69 -18.09
N LYS A 28 -26.42 -22.42 -19.19
CA LYS A 28 -27.50 -23.26 -19.70
C LYS A 28 -27.77 -24.42 -18.75
N LYS A 29 -26.71 -25.11 -18.34
CA LYS A 29 -26.83 -26.25 -17.42
C LYS A 29 -27.49 -25.82 -16.11
N LEU A 30 -27.05 -24.69 -15.58
CA LEU A 30 -27.50 -24.24 -14.27
C LEU A 30 -28.82 -23.48 -14.35
N GLY A 31 -29.15 -22.99 -15.53
CA GLY A 31 -30.36 -22.20 -15.70
C GLY A 31 -30.21 -20.85 -15.03
N ILE A 32 -29.07 -20.20 -15.23
CA ILE A 32 -28.81 -18.88 -14.67
C ILE A 32 -28.36 -17.90 -15.77
N THR A 33 -28.33 -16.62 -15.43
CA THR A 33 -27.76 -15.61 -16.30
C THR A 33 -26.36 -15.23 -15.80
N ILE A 34 -25.36 -15.33 -16.67
CA ILE A 34 -24.03 -14.89 -16.31
C ILE A 34 -23.75 -13.54 -16.93
N ASN A 35 -23.81 -12.49 -16.13
CA ASN A 35 -23.40 -11.16 -16.60
C ASN A 35 -21.89 -11.05 -16.57
N GLN A 36 -21.32 -10.52 -17.64
CA GLN A 36 -19.87 -10.46 -17.78
C GLN A 36 -19.35 -9.05 -17.58
N ASP A 37 -18.12 -8.97 -17.09
CA ASP A 37 -17.40 -7.72 -17.07
C ASP A 37 -15.93 -8.06 -17.37
N SER A 38 -15.12 -7.03 -17.61
CA SER A 38 -13.70 -7.21 -17.93
C SER A 38 -12.87 -6.11 -17.32
N ILE A 39 -11.65 -6.45 -16.95
CA ILE A 39 -10.70 -5.47 -16.44
C ILE A 39 -9.31 -6.08 -16.51
N PRO A 40 -8.30 -5.27 -16.87
CA PRO A 40 -6.92 -5.76 -16.94
C PRO A 40 -6.44 -6.28 -15.57
N ASP A 41 -6.56 -5.43 -14.56
CA ASP A 41 -6.16 -5.81 -13.20
C ASP A 41 -7.32 -5.56 -12.25
N ALA A 42 -7.84 -6.65 -11.69
CA ALA A 42 -9.06 -6.57 -10.90
C ALA A 42 -8.84 -6.12 -9.46
N TRP A 43 -7.61 -6.17 -8.98
CA TRP A 43 -7.44 -6.09 -7.53
C TRP A 43 -7.72 -4.74 -6.86
N PRO A 44 -7.27 -3.65 -7.47
CA PRO A 44 -7.66 -2.38 -6.85
C PRO A 44 -9.18 -2.28 -6.71
N ALA A 45 -9.91 -2.77 -7.70
CA ALA A 45 -11.37 -2.68 -7.68
C ALA A 45 -11.96 -3.64 -6.64
N ILE A 46 -11.40 -4.83 -6.56
CA ILE A 46 -11.86 -5.80 -5.58
C ILE A 46 -11.72 -5.21 -4.17
N LYS A 47 -10.60 -4.55 -3.92
CA LYS A 47 -10.38 -3.95 -2.60
C LYS A 47 -11.49 -2.95 -2.31
N THR A 48 -11.77 -2.09 -3.28
CA THR A 48 -12.74 -1.04 -3.07
C THR A 48 -14.13 -1.64 -2.91
N GLN A 49 -14.44 -2.59 -3.78
CA GLN A 49 -15.75 -3.23 -3.79
C GLN A 49 -16.02 -3.96 -2.47
N VAL A 50 -15.07 -4.81 -2.08
CA VAL A 50 -15.23 -5.60 -0.86
C VAL A 50 -15.21 -4.70 0.37
N GLY A 51 -14.36 -3.68 0.34
CA GLY A 51 -14.29 -2.74 1.45
C GLY A 51 -15.60 -2.03 1.72
N SER A 52 -16.44 -1.93 0.69
CA SER A 52 -17.72 -1.24 0.81
C SER A 52 -18.79 -2.14 1.42
N GLY A 53 -18.54 -3.44 1.44
CA GLY A 53 -19.52 -4.40 1.91
C GLY A 53 -20.57 -4.74 0.86
N LYS A 54 -20.64 -3.96 -0.21
CA LYS A 54 -21.60 -4.24 -1.29
C LYS A 54 -20.92 -4.31 -2.65
N PRO A 55 -20.22 -5.42 -2.92
CA PRO A 55 -19.53 -5.66 -4.20
C PRO A 55 -20.54 -5.82 -5.34
N ILE A 56 -20.22 -5.32 -6.53
CA ILE A 56 -21.05 -5.61 -7.70
C ILE A 56 -20.60 -6.89 -8.43
N TRP A 57 -19.34 -7.30 -8.24
CA TRP A 57 -18.83 -8.52 -8.88
C TRP A 57 -19.00 -9.73 -7.97
N ASP A 58 -19.23 -10.90 -8.55
CA ASP A 58 -19.32 -12.15 -7.78
C ASP A 58 -18.05 -12.99 -7.95
N VAL A 59 -17.77 -13.34 -9.19
CA VAL A 59 -16.70 -14.26 -9.49
C VAL A 59 -15.65 -13.57 -10.36
N VAL A 60 -14.40 -13.69 -9.95
CA VAL A 60 -13.27 -13.09 -10.65
C VAL A 60 -12.28 -14.15 -11.10
N ASP A 61 -11.86 -14.06 -12.35
CA ASP A 61 -10.83 -14.91 -12.92
C ASP A 61 -9.53 -14.09 -12.93
N THR A 62 -8.52 -14.54 -12.18
CA THR A 62 -7.31 -13.73 -12.01
C THR A 62 -6.06 -14.60 -11.79
N PRO A 63 -4.86 -14.07 -12.12
CA PRO A 63 -3.65 -14.82 -11.80
C PRO A 63 -3.66 -15.35 -10.38
N THR A 64 -3.29 -16.61 -10.27
CA THR A 64 -3.48 -17.39 -9.06
C THR A 64 -2.84 -16.76 -7.83
N GLY A 65 -1.71 -16.09 -8.01
CA GLY A 65 -1.00 -15.48 -6.89
C GLY A 65 -1.81 -14.41 -6.18
N TYR A 66 -2.65 -13.70 -6.93
CA TYR A 66 -3.49 -12.65 -6.37
C TYR A 66 -4.61 -13.26 -5.52
N CYS A 67 -5.02 -14.47 -5.86
CA CYS A 67 -6.00 -15.18 -5.06
C CYS A 67 -5.43 -15.48 -3.70
N LEU A 68 -4.15 -15.85 -3.65
CA LEU A 68 -3.49 -16.14 -2.39
C LEU A 68 -3.40 -14.88 -1.54
N ARG A 69 -2.93 -13.79 -2.16
CA ARG A 69 -2.81 -12.51 -1.47
C ARG A 69 -4.17 -12.04 -0.98
N GLY A 70 -5.14 -12.01 -1.90
CA GLY A 70 -6.50 -11.63 -1.59
C GLY A 70 -7.16 -12.44 -0.49
N GLY A 71 -7.01 -13.76 -0.57
CA GLY A 71 -7.59 -14.63 0.44
C GLY A 71 -7.00 -14.35 1.82
N GLU A 72 -5.69 -14.07 1.84
CA GLU A 72 -5.02 -13.75 3.09
C GLU A 72 -5.51 -12.42 3.68
N GLN A 73 -5.96 -11.51 2.82
CA GLN A 73 -6.38 -10.19 3.29
C GLN A 73 -7.88 -10.10 3.56
N GLY A 74 -8.57 -11.23 3.53
CA GLY A 74 -10.00 -11.27 3.76
C GLY A 74 -10.87 -10.70 2.63
N LEU A 75 -10.35 -10.71 1.40
CA LEU A 75 -11.05 -10.09 0.29
C LEU A 75 -11.85 -11.07 -0.55
N ILE A 76 -11.53 -12.35 -0.45
CA ILE A 76 -12.28 -13.37 -1.16
C ILE A 76 -12.69 -14.51 -0.22
N GLU A 77 -13.72 -15.25 -0.63
CA GLU A 77 -14.33 -16.25 0.23
C GLU A 77 -13.46 -17.47 0.43
N LYS A 78 -13.44 -17.97 1.66
CA LYS A 78 -12.89 -19.29 1.92
C LYS A 78 -13.85 -20.27 1.29
N LEU A 79 -13.38 -21.09 0.36
CA LEU A 79 -14.28 -21.98 -0.37
C LEU A 79 -14.59 -23.27 0.38
N ASP A 80 -15.87 -23.62 0.42
CA ASP A 80 -16.31 -24.91 0.94
C ASP A 80 -16.37 -25.94 -0.19
N PHE A 81 -15.35 -26.78 -0.28
CA PHE A 81 -15.23 -27.72 -1.39
C PHE A 81 -16.18 -28.93 -1.32
N SER A 82 -16.96 -29.03 -0.24
CA SER A 82 -17.97 -30.07 -0.16
C SER A 82 -19.16 -29.69 -1.04
N LYS A 83 -19.17 -28.46 -1.51
CA LYS A 83 -20.22 -27.97 -2.38
C LYS A 83 -19.74 -27.82 -3.82
N ILE A 84 -18.47 -28.12 -4.05
CA ILE A 84 -17.87 -28.00 -5.37
C ILE A 84 -17.17 -29.31 -5.78
N PRO A 85 -17.97 -30.36 -5.96
CA PRO A 85 -17.45 -31.72 -6.22
C PRO A 85 -16.34 -31.73 -7.27
N ASN A 86 -16.56 -31.05 -8.39
CA ASN A 86 -15.57 -31.02 -9.46
C ASN A 86 -14.22 -30.46 -9.00
N ALA A 87 -14.26 -29.47 -8.11
CA ALA A 87 -13.04 -28.87 -7.62
C ALA A 87 -12.39 -29.77 -6.58
N ALA A 88 -13.21 -30.39 -5.75
CA ALA A 88 -12.71 -31.32 -4.73
C ALA A 88 -11.99 -32.49 -5.37
N ALA A 89 -12.44 -32.90 -6.55
CA ALA A 89 -11.84 -34.05 -7.23
C ALA A 89 -10.49 -33.72 -7.87
N PRO A 91 -6.54 -32.43 -7.94
CA PRO A 91 -5.43 -32.56 -7.00
C PRO A 91 -5.28 -31.28 -6.17
N GLU A 92 -4.77 -31.43 -4.95
CA GLU A 92 -4.69 -30.32 -4.02
C GLU A 92 -3.75 -29.21 -4.50
N ALA A 93 -2.80 -29.58 -5.35
CA ALA A 93 -1.87 -28.59 -5.89
C ALA A 93 -2.56 -27.67 -6.92
N TYR A 94 -3.79 -27.99 -7.31
CA TYR A 94 -4.51 -27.20 -8.31
C TYR A 94 -5.56 -26.27 -7.69
N ARG A 95 -5.64 -26.25 -6.37
CA ARG A 95 -6.56 -25.35 -5.69
C ARG A 95 -5.91 -24.76 -4.45
N SER A 96 -6.60 -23.79 -3.86
CA SER A 96 -6.14 -23.17 -2.64
C SER A 96 -7.36 -23.12 -1.77
N PRO A 97 -7.23 -22.60 -0.53
CA PRO A 97 -8.44 -22.49 0.28
C PRO A 97 -9.43 -21.48 -0.30
N TYR A 98 -8.96 -20.64 -1.21
CA TYR A 98 -9.75 -19.53 -1.74
C TYR A 98 -9.95 -19.56 -3.24
N SER A 99 -9.41 -20.55 -3.93
CA SER A 99 -9.45 -20.53 -5.39
C SER A 99 -9.35 -21.91 -6.02
N VAL A 100 -9.68 -21.98 -7.30
CA VAL A 100 -9.48 -23.20 -8.09
C VAL A 100 -8.84 -22.83 -9.42
N SER A 101 -7.81 -23.58 -9.81
CA SER A 101 -7.13 -23.35 -11.09
C SER A 101 -8.10 -23.41 -12.26
N TYR A 102 -7.99 -22.44 -13.16
CA TYR A 102 -9.00 -22.26 -14.20
C TYR A 102 -8.45 -22.53 -15.61
N GLU A 103 -7.23 -22.05 -15.87
CA GLU A 103 -6.56 -22.29 -17.14
C GLU A 103 -5.05 -22.01 -17.01
N PHE A 104 -4.24 -22.67 -17.83
CA PHE A 104 -2.81 -22.45 -17.83
C PHE A 104 -2.36 -21.73 -19.09
N TYR A 105 -1.46 -20.75 -18.92
CA TYR A 105 -0.81 -20.07 -20.02
C TYR A 105 0.68 -19.98 -19.78
N SER A 106 1.45 -19.66 -20.82
CA SER A 106 2.89 -19.56 -20.69
C SER A 106 3.43 -18.22 -21.18
N SER A 107 4.47 -17.74 -20.51
CA SER A 107 5.32 -16.70 -21.06
C SER A 107 6.43 -17.43 -21.80
N VAL A 108 6.60 -17.14 -23.09
CA VAL A 108 7.53 -17.91 -23.91
C VAL A 108 8.50 -17.02 -24.69
N LEU A 109 9.62 -17.61 -25.09
CA LEU A 109 10.51 -17.01 -26.06
C LEU A 109 9.85 -17.10 -27.44
N ALA A 110 9.43 -15.95 -27.96
CA ALA A 110 8.87 -15.85 -29.30
C ALA A 110 9.91 -15.20 -30.19
N TYR A 111 9.84 -15.51 -31.49
CA TYR A 111 10.87 -15.08 -32.41
C TYR A 111 10.34 -15.06 -33.84
N SER A 112 10.94 -14.20 -34.67
CA SER A 112 10.60 -14.09 -36.08
C SER A 112 11.24 -15.20 -36.93
N GLN A 113 10.43 -15.84 -37.76
CA GLN A 113 10.94 -16.87 -38.67
C GLN A 113 11.65 -16.26 -39.88
N LYS A 114 11.36 -14.99 -40.17
CA LYS A 114 12.07 -14.31 -41.24
C LYS A 114 13.51 -14.07 -40.81
N THR A 115 13.69 -13.70 -39.54
CA THR A 115 15.02 -13.48 -39.00
C THR A 115 15.72 -14.81 -38.72
N PHE A 116 14.98 -15.79 -38.23
CA PHE A 116 15.58 -17.09 -37.90
C PHE A 116 14.89 -18.22 -38.64
N PRO A 117 15.22 -18.37 -39.92
CA PRO A 117 14.62 -19.40 -40.77
C PRO A 117 15.11 -20.78 -40.35
N LYS A 118 16.32 -20.85 -39.80
CA LYS A 118 16.96 -22.14 -39.57
C LYS A 118 17.37 -22.40 -38.11
N ASP A 119 18.05 -21.46 -37.49
CA ASP A 119 18.54 -21.68 -36.13
C ASP A 119 18.08 -20.61 -35.17
N ALA A 120 16.86 -20.75 -34.69
CA ALA A 120 16.23 -19.78 -33.80
C ALA A 120 16.68 -19.95 -32.34
N PRO A 121 16.73 -18.83 -31.60
CA PRO A 121 17.00 -18.93 -30.17
C PRO A 121 16.02 -19.89 -29.52
N ASN A 122 16.45 -20.61 -28.50
CA ASN A 122 15.69 -21.73 -27.97
C ASN A 122 15.74 -21.82 -26.44
N SER A 123 16.27 -20.77 -25.82
CA SER A 123 16.38 -20.69 -24.38
C SER A 123 16.65 -19.25 -23.98
N TRP A 124 16.55 -18.93 -22.69
CA TRP A 124 16.87 -17.58 -22.27
C TRP A 124 18.38 -17.32 -22.42
N VAL A 125 19.17 -18.38 -22.31
CA VAL A 125 20.61 -18.26 -22.57
C VAL A 125 20.82 -17.69 -23.98
N ASP A 126 20.14 -18.27 -24.97
CA ASP A 126 20.20 -17.75 -26.33
C ASP A 126 19.73 -16.30 -26.37
N PHE A 127 18.61 -16.03 -25.70
CA PHE A 127 18.05 -14.69 -25.66
C PHE A 127 19.06 -13.66 -25.17
N TRP A 128 19.83 -14.02 -24.15
CA TRP A 128 20.88 -13.16 -23.62
C TRP A 128 22.13 -13.11 -24.51
N ASP A 129 22.27 -14.08 -25.40
CA ASP A 129 23.48 -14.13 -26.25
C ASP A 129 23.34 -13.29 -27.51
N VAL A 130 23.62 -12.00 -27.38
CA VAL A 130 23.42 -11.03 -28.45
C VAL A 130 24.35 -11.23 -29.62
N LYS A 131 25.55 -11.74 -29.35
CA LYS A 131 26.50 -12.01 -30.42
C LYS A 131 26.07 -13.20 -31.26
N LYS A 132 25.60 -14.26 -30.60
CA LYS A 132 25.18 -15.47 -31.29
C LYS A 132 23.82 -15.32 -31.98
N PHE A 133 22.91 -14.58 -31.34
CA PHE A 133 21.57 -14.35 -31.89
C PHE A 133 21.28 -12.85 -31.96
N PRO A 134 21.77 -12.20 -33.02
CA PRO A 134 21.63 -10.75 -33.17
C PRO A 134 20.20 -10.40 -33.55
N GLY A 135 19.74 -9.23 -33.14
CA GLY A 135 18.38 -8.80 -33.45
C GLY A 135 17.78 -7.91 -32.39
N ARG A 136 16.67 -7.26 -32.75
CA ARG A 136 15.94 -6.42 -31.82
C ARG A 136 15.17 -7.32 -30.85
N ARG A 137 15.07 -6.89 -29.61
CA ARG A 137 14.53 -7.70 -28.53
C ARG A 137 13.56 -6.88 -27.70
N ALA A 138 12.58 -7.57 -27.12
CA ALA A 138 11.63 -6.95 -26.21
C ALA A 138 11.44 -7.85 -25.01
N LEU A 139 11.20 -7.25 -23.86
CA LEU A 139 10.84 -7.99 -22.65
C LEU A 139 9.66 -7.23 -22.08
N ARG A 140 8.95 -7.84 -21.13
CA ARG A 140 7.81 -7.17 -20.52
C ARG A 140 8.28 -6.23 -19.41
N ASN A 141 7.68 -5.06 -19.32
CA ASN A 141 8.00 -4.12 -18.24
C ASN A 141 7.33 -4.57 -16.96
N HIS A 142 7.83 -5.66 -16.39
CA HIS A 142 7.20 -6.27 -15.24
C HIS A 142 8.06 -7.39 -14.67
N PRO A 143 8.15 -7.48 -13.34
CA PRO A 143 9.07 -8.45 -12.72
C PRO A 143 8.64 -9.90 -12.89
N ILE A 144 7.33 -10.16 -12.91
CA ILE A 144 6.83 -11.54 -12.99
C ILE A 144 7.23 -12.24 -14.30
N ALA A 145 7.74 -13.46 -14.18
CA ALA A 145 8.26 -14.25 -15.32
C ALA A 145 9.59 -13.69 -15.83
N THR A 146 9.72 -12.37 -15.85
CA THR A 146 10.95 -11.74 -16.30
C THR A 146 12.15 -12.14 -15.43
N LEU A 147 11.98 -12.05 -14.09
CA LEU A 147 13.05 -12.45 -13.18
C LEU A 147 13.42 -13.90 -13.42
N GLU A 148 12.42 -14.77 -13.53
CA GLU A 148 12.71 -16.19 -13.79
C GLU A 148 13.56 -16.39 -15.04
N ALA A 149 13.21 -15.70 -16.12
CA ALA A 149 13.91 -15.86 -17.39
C ALA A 149 15.36 -15.40 -17.27
N ALA A 150 15.57 -14.31 -16.53
CA ALA A 150 16.91 -13.80 -16.31
C ALA A 150 17.75 -14.83 -15.55
N LEU A 151 17.15 -15.52 -14.59
CA LEU A 151 17.91 -16.52 -13.83
C LEU A 151 18.25 -17.73 -14.69
N ALA A 153 18.65 -17.62 -17.83
CA ALA A 153 19.67 -17.13 -18.76
C ALA A 153 21.05 -17.23 -18.09
N ASP A 154 21.06 -17.07 -16.77
CA ASP A 154 22.27 -17.21 -16.01
C ASP A 154 22.57 -18.67 -15.64
N GLY A 155 21.87 -19.59 -16.31
CA GLY A 155 22.19 -21.00 -16.21
C GLY A 155 21.42 -21.80 -15.17
N VAL A 156 20.51 -21.15 -14.47
CA VAL A 156 19.71 -21.82 -13.44
C VAL A 156 18.65 -22.71 -14.10
N ALA A 157 18.54 -23.95 -13.63
CA ALA A 157 17.59 -24.92 -14.18
C ALA A 157 16.16 -24.53 -13.83
N PRO A 158 15.23 -24.66 -14.79
CA PRO A 158 13.83 -24.27 -14.61
C PRO A 158 13.21 -24.80 -13.31
N ASP A 159 13.61 -25.99 -12.89
CA ASP A 159 12.98 -26.58 -11.70
C ASP A 159 13.79 -26.31 -10.43
N LYS A 160 14.79 -25.44 -10.51
CA LYS A 160 15.58 -25.07 -9.34
C LYS A 160 15.53 -23.56 -9.04
N LEU A 161 14.54 -22.88 -9.59
CA LEU A 161 14.49 -21.42 -9.49
C LEU A 161 14.15 -20.88 -8.10
N TYR A 162 13.17 -21.49 -7.43
CA TYR A 162 12.63 -20.92 -6.20
C TYR A 162 13.31 -21.46 -4.94
N PRO A 163 13.49 -20.62 -3.92
CA PRO A 163 13.17 -19.18 -3.91
C PRO A 163 14.11 -18.40 -4.83
N LEU A 164 13.62 -17.36 -5.51
CA LEU A 164 14.42 -16.67 -6.51
C LEU A 164 15.60 -15.94 -5.90
N ASP A 165 16.77 -16.07 -6.53
CA ASP A 165 17.91 -15.23 -6.18
C ASP A 165 17.71 -13.89 -6.90
N VAL A 166 17.11 -12.94 -6.19
CA VAL A 166 16.67 -11.68 -6.79
C VAL A 166 17.81 -10.76 -7.23
N ASP A 167 18.83 -10.59 -6.39
CA ASP A 167 20.03 -9.83 -6.78
C ASP A 167 20.59 -10.36 -8.10
N ARG A 168 20.76 -11.67 -8.16
CA ARG A 168 21.28 -12.34 -9.34
C ARG A 168 20.41 -12.08 -10.57
N ALA A 169 19.10 -12.10 -10.39
CA ALA A 169 18.23 -11.83 -11.53
C ALA A 169 18.38 -10.40 -12.04
N PHE A 170 18.43 -9.43 -11.11
CA PHE A 170 18.57 -8.02 -11.49
C PHE A 170 19.92 -7.73 -12.14
N LYS A 171 20.97 -8.38 -11.66
CA LYS A 171 22.27 -8.17 -12.27
C LYS A 171 22.20 -8.63 -13.73
N LYS A 172 21.60 -9.79 -13.95
CA LYS A 172 21.51 -10.36 -15.29
C LYS A 172 20.64 -9.47 -16.19
N LEU A 173 19.62 -8.85 -15.61
CA LEU A 173 18.76 -7.97 -16.38
C LEU A 173 19.44 -6.65 -16.74
N GLU A 174 20.29 -6.18 -15.83
CA GLU A 174 21.07 -4.96 -16.07
C GLU A 174 21.98 -5.18 -17.27
N GLU A 175 22.56 -6.37 -17.36
CA GLU A 175 23.43 -6.70 -18.48
C GLU A 175 22.72 -6.59 -19.84
N ILE A 176 21.47 -7.03 -19.93
CA ILE A 176 20.79 -7.14 -21.22
C ILE A 176 20.13 -5.81 -21.61
N LYS A 177 19.87 -4.98 -20.60
CA LYS A 177 19.05 -3.78 -20.75
C LYS A 177 19.37 -2.90 -21.98
N PRO A 178 20.67 -2.66 -22.26
CA PRO A 178 21.00 -1.81 -23.42
C PRO A 178 20.61 -2.46 -24.75
N HIS A 179 20.33 -3.77 -24.71
CA HIS A 179 20.00 -4.50 -25.91
C HIS A 179 18.50 -4.72 -26.06
N ILE A 180 17.74 -4.18 -25.10
CA ILE A 180 16.30 -4.26 -25.19
C ILE A 180 15.78 -3.06 -25.98
N THR A 181 15.12 -3.36 -27.09
CA THR A 181 14.58 -2.36 -27.98
C THR A 181 13.36 -1.71 -27.34
N VAL A 182 12.49 -2.55 -26.76
CA VAL A 182 11.26 -2.09 -26.14
C VAL A 182 10.92 -2.94 -24.93
N TRP A 183 10.51 -2.29 -23.84
CA TRP A 183 9.88 -2.98 -22.71
C TRP A 183 8.37 -2.84 -22.87
N TRP A 184 7.69 -3.91 -23.24
CA TRP A 184 6.26 -3.79 -23.53
C TRP A 184 5.39 -3.84 -22.28
N THR A 185 4.18 -3.29 -22.39
CA THR A 185 3.28 -3.16 -21.26
C THR A 185 1.91 -3.78 -21.52
N SER A 186 1.57 -4.02 -22.79
CA SER A 186 0.32 -4.71 -23.10
C SER A 186 0.53 -5.91 -24.03
N GLY A 187 -0.37 -6.87 -23.92
CA GLY A 187 -0.30 -8.08 -24.72
C GLY A 187 -0.43 -7.74 -26.20
N ALA A 188 -1.31 -6.80 -26.50
CA ALA A 188 -1.52 -6.37 -27.87
C ALA A 188 -0.26 -5.72 -28.42
N GLN A 189 0.41 -4.93 -27.58
CA GLN A 189 1.65 -4.28 -27.99
C GLN A 189 2.69 -5.35 -28.35
N SER A 190 2.75 -6.42 -27.56
CA SER A 190 3.75 -7.44 -27.78
C SER A 190 3.50 -8.15 -29.10
N ALA A 191 2.21 -8.33 -29.42
CA ALA A 191 1.84 -8.94 -30.69
C ALA A 191 2.23 -8.02 -31.86
N GLN A 192 1.90 -6.74 -31.76
CA GLN A 192 2.23 -5.78 -32.80
C GLN A 192 3.74 -5.77 -33.08
N LEU A 193 4.54 -5.83 -32.01
CA LEU A 193 6.00 -5.81 -32.13
C LEU A 193 6.50 -6.96 -33.02
N LEU A 194 5.95 -8.16 -32.80
CA LEU A 194 6.33 -9.31 -33.62
C LEU A 194 5.83 -9.13 -35.05
N ASN A 195 4.58 -8.68 -35.18
CA ASN A 195 3.95 -8.58 -36.49
C ASN A 195 4.61 -7.61 -37.46
N ASP A 196 5.07 -6.46 -36.97
CA ASP A 196 5.65 -5.45 -37.86
C ASP A 196 7.17 -5.52 -37.92
N GLY A 197 7.74 -6.44 -37.16
CA GLY A 197 9.17 -6.69 -37.23
C GLY A 197 9.98 -5.74 -36.36
N GLU A 198 9.31 -4.98 -35.50
CA GLU A 198 10.04 -4.09 -34.60
C GLU A 198 10.98 -4.88 -33.70
N VAL A 199 10.60 -6.11 -33.34
CA VAL A 199 11.55 -6.98 -32.64
C VAL A 199 11.67 -8.33 -33.36
N ASP A 200 12.84 -8.93 -33.27
CA ASP A 200 13.10 -10.22 -33.88
C ASP A 200 12.84 -11.34 -32.88
N GLU A 202 11.32 -11.93 -28.49
CA GLU A 202 10.80 -11.33 -27.27
C GLU A 202 10.20 -12.40 -26.38
N ALA A 204 6.78 -13.28 -24.58
CA ALA A 204 5.39 -12.97 -24.85
C ALA A 204 4.50 -14.11 -24.36
N TRP A 205 3.24 -13.82 -24.10
CA TRP A 205 2.28 -14.84 -23.74
C TRP A 205 1.98 -15.71 -24.96
N ASN A 206 1.99 -17.02 -24.77
CA ASN A 206 1.91 -17.92 -25.92
C ASN A 206 0.65 -17.67 -26.76
N GLY A 207 -0.43 -17.25 -26.11
CA GLY A 207 -1.68 -16.99 -26.79
C GLY A 207 -1.63 -15.84 -27.77
N ARG A 208 -0.84 -14.81 -27.45
CA ARG A 208 -0.66 -13.66 -28.31
C ARG A 208 0.18 -14.02 -29.54
N VAL A 209 1.16 -14.90 -29.35
CA VAL A 209 2.01 -15.31 -30.45
C VAL A 209 1.26 -16.19 -31.42
N SER A 210 0.59 -17.22 -30.89
CA SER A 210 -0.14 -18.13 -31.74
C SER A 210 -1.17 -17.33 -32.55
N ALA A 211 -1.78 -16.33 -31.91
CA ALA A 211 -2.81 -15.53 -32.58
C ALA A 211 -2.24 -14.74 -33.74
N VAL A 212 -1.13 -14.04 -33.51
CA VAL A 212 -0.55 -13.27 -34.60
C VAL A 212 0.02 -14.20 -35.70
N ALA A 213 0.48 -15.38 -35.30
CA ALA A 213 0.96 -16.36 -36.28
C ALA A 213 -0.20 -16.84 -37.16
N LYS A 214 -1.30 -17.22 -36.52
CA LYS A 214 -2.48 -17.66 -37.25
C LYS A 214 -2.98 -16.58 -38.21
N GLU A 215 -2.74 -15.31 -37.86
CA GLU A 215 -3.12 -14.19 -38.71
C GLU A 215 -2.22 -14.07 -39.95
N GLY A 216 -1.05 -14.71 -39.92
CA GLY A 216 -0.19 -14.75 -41.09
C GLY A 216 1.26 -14.36 -40.84
N ALA A 217 1.53 -13.82 -39.66
CA ALA A 217 2.86 -13.39 -39.30
C ALA A 217 3.85 -14.55 -39.30
N LYS A 218 5.02 -14.34 -39.91
CA LYS A 218 6.05 -15.38 -39.93
C LYS A 218 6.78 -15.39 -38.60
N VAL A 219 6.10 -15.85 -37.56
CA VAL A 219 6.70 -15.91 -36.23
C VAL A 219 6.31 -17.20 -35.53
N SER A 220 7.02 -17.53 -34.46
CA SER A 220 6.74 -18.75 -33.73
C SER A 220 7.32 -18.64 -32.33
N PHE A 221 7.34 -19.75 -31.60
CA PHE A 221 7.85 -19.75 -30.24
C PHE A 221 8.18 -21.17 -29.80
N THR A 222 8.89 -21.27 -28.68
CA THR A 222 9.19 -22.56 -28.10
C THR A 222 8.65 -22.60 -26.68
N TYR A 223 8.28 -23.78 -26.21
CA TYR A 223 7.91 -23.93 -24.81
C TYR A 223 9.16 -24.16 -23.96
N ASN A 224 10.28 -24.45 -24.61
CA ASN A 224 11.51 -24.68 -23.86
C ASN A 224 11.84 -23.50 -22.95
N GLN A 225 11.98 -23.77 -21.66
CA GLN A 225 12.27 -22.74 -20.66
C GLN A 225 11.17 -21.69 -20.56
N GLY A 226 9.97 -22.04 -21.04
CA GLY A 226 8.82 -21.17 -20.87
C GLY A 226 8.49 -21.09 -19.39
N ILE A 227 7.79 -20.03 -18.99
CA ILE A 227 7.30 -19.92 -17.63
C ILE A 227 5.80 -20.28 -17.61
N LEU A 228 5.48 -21.41 -16.98
CA LEU A 228 4.12 -21.93 -16.97
C LEU A 228 3.32 -21.31 -15.82
N GLN A 229 2.22 -20.68 -16.16
CA GLN A 229 1.43 -19.92 -15.20
C GLN A 229 -0.04 -20.27 -15.31
N SER A 230 -0.85 -19.71 -14.42
CA SER A 230 -2.29 -19.99 -14.43
C SER A 230 -3.11 -18.87 -13.83
N THR A 231 -4.38 -18.77 -14.26
CA THR A 231 -5.35 -18.00 -13.51
C THR A 231 -6.27 -18.94 -12.74
N SER A 232 -6.94 -18.41 -11.72
CA SER A 232 -7.88 -19.17 -10.92
C SER A 232 -9.17 -18.37 -10.69
N LEU A 233 -10.25 -19.08 -10.39
CA LEU A 233 -11.52 -18.45 -10.07
C LEU A 233 -11.64 -18.31 -8.56
N CYS A 234 -12.16 -17.17 -8.11
CA CYS A 234 -12.43 -16.92 -6.69
C CYS A 234 -13.68 -16.06 -6.60
N ILE A 235 -14.25 -15.96 -5.41
CA ILE A 235 -15.52 -15.31 -5.20
C ILE A 235 -15.31 -14.18 -4.22
N LEU A 236 -15.84 -13.00 -4.52
CA LEU A 236 -15.63 -11.86 -3.63
C LEU A 236 -16.30 -12.07 -2.29
N LYS A 237 -15.61 -11.66 -1.22
CA LYS A 237 -16.22 -11.65 0.10
C LYS A 237 -17.42 -10.69 0.05
N GLY A 238 -18.58 -11.17 0.44
CA GLY A 238 -19.78 -10.34 0.41
C GLY A 238 -20.46 -10.29 -0.95
N ALA A 239 -20.09 -11.21 -1.84
CA ALA A 239 -20.69 -11.28 -3.17
C ALA A 239 -22.21 -11.36 -3.07
N PRO A 240 -22.93 -10.53 -3.85
CA PRO A 240 -24.38 -10.48 -3.78
C PRO A 240 -25.03 -11.80 -4.18
N ASN A 241 -24.33 -12.62 -4.96
CA ASN A 241 -24.89 -13.89 -5.42
C ASN A 241 -24.00 -15.08 -5.08
N LEU A 242 -23.47 -15.06 -3.86
CA LEU A 242 -22.62 -16.13 -3.36
C LEU A 242 -23.09 -17.54 -3.75
N GLU A 243 -24.27 -17.94 -3.27
CA GLU A 243 -24.75 -19.31 -3.49
C GLU A 243 -24.74 -19.72 -4.96
N THR A 244 -25.31 -18.88 -5.82
CA THR A 244 -25.24 -19.14 -7.25
C THR A 244 -23.78 -19.21 -7.71
N ALA A 245 -22.95 -18.34 -7.17
CA ALA A 245 -21.56 -18.29 -7.60
C ALA A 245 -20.84 -19.58 -7.25
N VAL A 246 -21.19 -20.17 -6.11
CA VAL A 246 -20.56 -21.43 -5.71
C VAL A 246 -20.93 -22.51 -6.72
N LYS A 247 -22.21 -22.54 -7.11
CA LYS A 247 -22.68 -23.48 -8.11
C LYS A 247 -22.00 -23.31 -9.46
N PHE A 248 -21.79 -22.07 -9.87
CA PHE A 248 -21.11 -21.80 -11.13
C PHE A 248 -19.67 -22.31 -11.10
N LEU A 249 -19.00 -22.11 -9.98
CA LEU A 249 -17.61 -22.54 -9.83
C LEU A 249 -17.51 -24.02 -10.14
N ASN A 250 -18.50 -24.77 -9.69
CA ASN A 250 -18.48 -26.21 -9.90
C ASN A 250 -18.62 -26.57 -11.38
N GLU A 251 -19.53 -25.90 -12.09
CA GLU A 251 -19.64 -26.08 -13.54
C GLU A 251 -18.42 -25.56 -14.31
N ALA A 252 -17.75 -24.54 -13.77
CA ALA A 252 -16.66 -23.91 -14.50
C ALA A 252 -15.43 -24.83 -14.57
N VAL A 253 -15.27 -25.70 -13.58
CA VAL A 253 -14.15 -26.64 -13.61
C VAL A 253 -14.59 -28.04 -13.96
N ASP A 254 -15.78 -28.15 -14.56
CA ASP A 254 -16.26 -29.42 -15.09
C ASP A 254 -15.28 -29.90 -16.16
N PRO A 255 -14.81 -31.16 -16.05
CA PRO A 255 -13.90 -31.74 -17.05
C PRO A 255 -14.24 -31.40 -18.50
N VAL A 256 -15.49 -31.65 -18.90
CA VAL A 256 -15.92 -31.41 -20.28
C VAL A 256 -15.85 -29.93 -20.67
N HIS A 257 -16.46 -29.07 -19.85
CA HIS A 257 -16.45 -27.64 -20.15
C HIS A 257 -15.00 -27.17 -20.28
N GLN A 258 -14.18 -27.63 -19.35
CA GLN A 258 -12.77 -27.31 -19.32
C GLN A 258 -12.03 -27.84 -20.55
N ALA A 259 -12.29 -29.09 -20.92
CA ALA A 259 -11.65 -29.67 -22.09
C ALA A 259 -12.03 -28.90 -23.36
N ASN A 260 -13.15 -28.17 -23.30
CA ASN A 260 -13.59 -27.41 -24.48
C ASN A 260 -12.86 -26.09 -24.66
N LEU A 261 -12.24 -25.59 -23.59
CA LEU A 261 -11.57 -24.29 -23.66
C LEU A 261 -10.45 -24.23 -24.69
N PRO A 262 -9.50 -25.19 -24.63
CA PRO A 262 -8.40 -25.27 -25.60
C PRO A 262 -8.86 -25.62 -27.02
N LEU A 263 -10.15 -25.86 -27.20
CA LEU A 263 -10.66 -26.02 -28.55
C LEU A 263 -10.77 -24.64 -29.20
N HIS A 264 -10.72 -23.59 -28.37
CA HIS A 264 -11.03 -22.25 -28.84
C HIS A 264 -9.89 -21.27 -28.64
N ILE A 265 -8.90 -21.69 -27.86
CA ILE A 265 -7.76 -20.84 -27.59
C ILE A 265 -6.62 -21.69 -27.06
N ASP A 266 -5.40 -21.23 -27.31
CA ASP A 266 -4.18 -21.97 -27.01
C ASP A 266 -3.80 -21.94 -25.53
N TYR A 267 -4.77 -22.18 -24.65
CA TYR A 267 -4.47 -22.24 -23.21
C TYR A 267 -4.85 -23.62 -22.70
N GLY A 268 -4.22 -24.03 -21.60
CA GLY A 268 -4.44 -25.35 -21.05
C GLY A 268 -5.57 -25.33 -20.03
N PRO A 269 -6.23 -26.48 -19.83
CA PRO A 269 -7.33 -26.53 -18.87
C PRO A 269 -6.80 -26.49 -17.42
N GLY A 270 -7.40 -25.66 -16.57
CA GLY A 270 -7.06 -25.65 -15.16
C GLY A 270 -7.29 -27.02 -14.53
N ASN A 271 -8.30 -27.75 -15.00
CA ASN A 271 -8.60 -29.07 -14.47
C ASN A 271 -7.98 -30.15 -15.33
N PRO A 272 -6.90 -30.77 -14.83
CA PRO A 272 -6.18 -31.79 -15.60
C PRO A 272 -7.06 -32.97 -16.00
N LYS A 273 -8.20 -33.15 -15.32
CA LYS A 273 -9.14 -34.21 -15.69
C LYS A 273 -9.68 -34.01 -17.11
N ALA A 274 -9.64 -32.77 -17.58
CA ALA A 274 -10.09 -32.46 -18.94
C ALA A 274 -9.41 -33.33 -19.99
N PHE A 275 -8.16 -33.71 -19.74
CA PHE A 275 -7.36 -34.47 -20.70
C PHE A 275 -7.80 -35.92 -20.80
N GLU A 276 -8.62 -36.36 -19.84
CA GLU A 276 -9.12 -37.72 -19.83
C GLU A 276 -10.51 -37.79 -20.45
N THR A 277 -11.00 -36.68 -21.00
CA THR A 277 -12.38 -36.63 -21.49
C THR A 277 -12.57 -37.06 -22.94
N ASN A 278 -11.48 -37.02 -23.72
CA ASN A 278 -11.57 -37.39 -25.12
C ASN A 278 -12.28 -36.36 -25.99
N VAL A 279 -12.08 -35.08 -25.69
CA VAL A 279 -12.59 -34.03 -26.56
C VAL A 279 -11.43 -33.32 -27.25
N ILE A 280 -10.27 -33.34 -26.59
CA ILE A 280 -9.04 -32.77 -27.14
C ILE A 280 -8.22 -33.81 -27.89
N LYS A 281 -8.12 -33.67 -29.19
CA LYS A 281 -7.31 -34.58 -30.02
C LYS A 281 -5.82 -34.43 -29.68
N PRO A 282 -5.05 -35.51 -29.83
CA PRO A 282 -3.62 -35.54 -29.50
C PRO A 282 -2.84 -34.40 -30.17
N GLU A 283 -3.09 -34.17 -31.45
CA GLU A 283 -2.43 -33.11 -32.22
C GLU A 283 -2.64 -31.73 -31.60
N ARG A 284 -3.83 -31.52 -31.03
CA ARG A 284 -4.18 -30.23 -30.44
C ARG A 284 -3.58 -30.07 -29.05
N ALA A 285 -3.61 -31.15 -28.26
CA ALA A 285 -3.06 -31.12 -26.91
C ALA A 285 -1.57 -30.79 -26.95
N ALA A 286 -0.89 -31.32 -27.97
CA ALA A 286 0.55 -31.15 -28.14
C ALA A 286 0.96 -29.67 -28.24
N GLN A 287 -0.03 -28.80 -28.39
CA GLN A 287 0.24 -27.37 -28.57
C GLN A 287 -0.05 -26.57 -27.31
N LEU A 288 -0.51 -27.25 -26.26
CA LEU A 288 -1.00 -26.57 -25.07
C LEU A 288 0.09 -26.41 -24.02
N PRO A 289 0.03 -25.32 -23.25
CA PRO A 289 1.03 -25.00 -22.21
C PRO A 289 1.16 -26.06 -21.12
N SER A 290 0.04 -26.65 -20.70
CA SER A 290 0.05 -27.60 -19.59
C SER A 290 0.03 -29.07 -20.01
N GLU A 291 0.18 -29.34 -21.31
CA GLU A 291 0.32 -30.71 -21.76
C GLU A 291 1.61 -31.25 -21.14
N PRO A 292 1.56 -32.45 -20.56
CA PRO A 292 2.69 -32.99 -19.79
C PRO A 292 4.06 -32.77 -20.44
N ALA A 293 4.21 -33.06 -21.74
CA ALA A 293 5.52 -32.93 -22.38
C ALA A 293 5.97 -31.48 -22.54
N ASN A 294 5.02 -30.56 -22.72
CA ASN A 294 5.39 -29.14 -22.79
C ASN A 294 5.71 -28.60 -21.41
N ALA A 295 4.94 -29.03 -20.43
CA ALA A 295 5.14 -28.61 -19.04
C ALA A 295 6.52 -28.99 -18.54
N ALA A 296 6.99 -30.18 -18.97
CA ALA A 296 8.28 -30.69 -18.53
C ALA A 296 9.44 -29.80 -18.97
N LYS A 297 9.26 -29.04 -20.04
CA LYS A 297 10.31 -28.14 -20.53
C LYS A 297 10.29 -26.78 -19.81
N GLN A 298 9.31 -26.57 -18.94
CA GLN A 298 9.05 -25.22 -18.44
C GLN A 298 9.30 -25.02 -16.96
N ALA A 299 9.45 -23.76 -16.56
CA ALA A 299 9.45 -23.40 -15.16
C ALA A 299 8.01 -23.23 -14.70
N LEU A 300 7.64 -23.97 -13.66
CA LEU A 300 6.32 -23.82 -13.09
C LEU A 300 6.35 -22.68 -12.08
N SER A 302 5.95 -20.38 -9.10
CA SER A 302 5.55 -20.54 -7.70
C SER A 302 4.80 -19.30 -7.19
N TYR A 303 3.47 -19.41 -7.15
CA TYR A 303 2.63 -18.36 -6.59
C TYR A 303 2.82 -18.19 -5.09
N ALA A 304 3.20 -19.26 -4.41
CA ALA A 304 3.56 -19.15 -3.00
C ALA A 304 4.76 -18.23 -2.82
N TRP A 305 5.74 -18.33 -3.70
CA TRP A 305 6.90 -17.43 -3.59
C TRP A 305 6.52 -15.99 -3.93
N TRP A 306 5.82 -15.78 -5.06
CA TRP A 306 5.46 -14.44 -5.49
C TRP A 306 4.55 -13.69 -4.52
N SER A 307 3.71 -14.42 -3.80
CA SER A 307 2.77 -13.83 -2.85
C SER A 307 3.32 -13.75 -1.42
N SER A 308 4.57 -14.16 -1.26
CA SER A 308 5.22 -14.10 0.04
C SER A 308 5.92 -12.74 0.21
N PRO A 309 6.36 -12.42 1.43
CA PRO A 309 7.12 -11.18 1.67
C PRO A 309 8.29 -11.00 0.70
N ALA A 310 9.02 -12.06 0.37
CA ALA A 310 10.13 -11.96 -0.57
C ALA A 310 9.63 -11.60 -1.98
N GLY A 311 8.48 -12.14 -2.36
CA GLY A 311 7.88 -11.80 -3.64
C GLY A 311 7.50 -10.33 -3.70
N GLU A 312 6.91 -9.82 -2.61
CA GLU A 312 6.55 -8.41 -2.55
C GLU A 312 7.79 -7.52 -2.65
N ALA A 313 8.81 -7.82 -1.84
CA ALA A 313 10.07 -7.09 -1.89
C ALA A 313 10.61 -7.04 -3.32
N ALA A 314 10.63 -8.20 -3.99
CA ALA A 314 11.11 -8.24 -5.36
C ALA A 314 10.32 -7.28 -6.26
N GLU A 315 9.00 -7.29 -6.11
CA GLU A 315 8.13 -6.42 -6.90
C GLU A 315 8.46 -4.95 -6.66
N LYS A 316 8.63 -4.57 -5.40
CA LYS A 316 8.95 -3.18 -5.05
C LYS A 316 10.26 -2.72 -5.67
N ARG A 317 11.17 -3.65 -5.93
CA ARG A 317 12.47 -3.27 -6.50
C ARG A 317 12.38 -2.95 -7.99
N TRP A 318 11.35 -3.48 -8.65
CA TRP A 318 11.22 -3.29 -10.09
C TRP A 318 11.12 -1.82 -10.40
N ALA A 319 10.31 -1.12 -9.61
CA ALA A 319 10.03 0.28 -9.85
C ALA A 319 11.32 1.07 -10.00
N SER A 320 12.28 0.84 -9.10
CA SER A 320 13.52 1.58 -9.13
C SER A 320 14.49 1.01 -10.17
N PHE A 321 14.34 -0.26 -10.51
CA PHE A 321 15.15 -0.85 -11.56
C PHE A 321 14.87 -0.19 -12.91
N GLN A 323 14.14 3.08 -14.90
CA GLN A 323 14.33 4.54 -14.79
C GLN A 323 15.44 4.87 -13.79
N ASN B 2 25.78 -18.06 25.16
CA ASN B 2 24.65 -17.40 25.80
C ASN B 2 23.58 -16.94 24.80
N ALA B 3 22.43 -17.62 24.80
CA ALA B 3 21.34 -17.33 23.86
C ALA B 3 20.77 -15.93 24.03
N GLN B 4 20.23 -15.39 22.95
CA GLN B 4 19.70 -14.03 23.00
C GLN B 4 18.52 -13.85 22.04
N ILE B 5 17.79 -12.76 22.24
CA ILE B 5 16.80 -12.30 21.28
C ILE B 5 16.84 -10.78 21.25
N THR B 6 16.24 -10.20 20.21
CA THR B 6 15.95 -8.78 20.17
C THR B 6 14.45 -8.56 20.30
N PHE B 7 14.07 -7.77 21.31
CA PHE B 7 12.68 -7.48 21.64
C PHE B 7 12.33 -6.02 21.31
N VAL B 8 11.24 -5.82 20.61
CA VAL B 8 10.90 -4.49 20.14
C VAL B 8 9.55 -4.03 20.71
N SER B 9 9.55 -2.85 21.33
CA SER B 9 8.30 -2.26 21.79
C SER B 9 8.29 -0.76 21.50
N GLN B 10 7.49 0.00 22.24
CA GLN B 10 7.26 1.39 21.88
C GLN B 10 8.02 2.41 22.75
N GLY B 11 8.97 1.93 23.55
CA GLY B 11 9.79 2.79 24.38
C GLY B 11 9.02 3.51 25.49
N GLY B 12 9.63 4.56 26.03
CA GLY B 12 8.99 5.40 27.04
C GLY B 12 8.82 4.72 28.37
N ALA B 13 7.97 5.31 29.23
CA ALA B 13 7.63 4.72 30.52
C ALA B 13 7.15 3.29 30.36
N TYR B 14 6.46 3.03 29.25
CA TYR B 14 5.86 1.73 28.98
C TYR B 14 6.92 0.65 28.82
N GLN B 15 7.94 0.92 28.00
CA GLN B 15 9.01 -0.06 27.81
C GLN B 15 9.87 -0.17 29.08
N ALA B 16 10.10 0.94 29.79
CA ALA B 16 10.78 0.86 31.09
C ALA B 16 10.01 -0.07 32.05
N ALA B 17 8.69 0.07 32.09
CA ALA B 17 7.88 -0.75 33.01
C ALA B 17 7.94 -2.23 32.62
N GLN B 18 7.95 -2.52 31.33
CA GLN B 18 8.07 -3.90 30.85
C GLN B 18 9.40 -4.52 31.26
N THR B 19 10.44 -3.69 31.23
CA THR B 19 11.79 -4.16 31.51
C THR B 19 11.87 -4.68 32.94
N VAL B 20 11.37 -3.87 33.88
CA VAL B 20 11.37 -4.28 35.28
C VAL B 20 10.51 -5.51 35.57
N ALA B 21 9.34 -5.59 34.94
CA ALA B 21 8.32 -6.59 35.32
C ALA B 21 8.42 -7.88 34.53
N ILE B 22 8.73 -7.74 33.25
CA ILE B 22 8.72 -8.87 32.32
C ILE B 22 10.12 -9.22 31.75
N LEU B 23 10.80 -8.26 31.14
CA LEU B 23 12.05 -8.54 30.42
C LEU B 23 13.17 -9.05 31.32
N ASP B 24 13.51 -8.27 32.34
CA ASP B 24 14.60 -8.68 33.22
C ASP B 24 14.36 -9.99 33.95
N PRO B 25 13.19 -10.15 34.57
CA PRO B 25 12.89 -11.43 35.21
C PRO B 25 12.88 -12.59 34.22
N SER B 26 12.39 -12.39 32.99
CA SER B 26 12.37 -13.46 32.00
C SER B 26 13.77 -13.84 31.57
N ALA B 27 14.60 -12.83 31.33
CA ALA B 27 15.98 -13.03 30.95
C ALA B 27 16.70 -13.77 32.05
N LYS B 28 16.51 -13.34 33.28
CA LYS B 28 17.19 -13.99 34.40
C LYS B 28 16.71 -15.44 34.54
N LYS B 29 15.42 -15.65 34.36
CA LYS B 29 14.85 -16.99 34.51
C LYS B 29 15.33 -17.93 33.40
N LEU B 30 15.41 -17.43 32.17
CA LEU B 30 15.78 -18.27 31.03
C LEU B 30 17.30 -18.32 30.83
N GLY B 31 18.03 -17.45 31.49
CA GLY B 31 19.47 -17.39 31.34
C GLY B 31 19.87 -16.88 29.95
N ILE B 32 19.13 -15.89 29.45
CA ILE B 32 19.40 -15.32 28.13
C ILE B 32 19.65 -13.82 28.19
N THR B 33 19.99 -13.25 27.04
CA THR B 33 20.14 -11.81 26.92
C THR B 33 19.03 -11.28 26.04
N ILE B 34 18.31 -10.29 26.54
CA ILE B 34 17.24 -9.68 25.78
C ILE B 34 17.67 -8.30 25.35
N ASN B 35 18.04 -8.19 24.08
CA ASN B 35 18.42 -6.89 23.54
C ASN B 35 17.14 -6.17 23.12
N GLN B 36 17.05 -4.89 23.44
CA GLN B 36 15.85 -4.13 23.20
C GLN B 36 16.02 -3.16 22.05
N ASP B 37 14.90 -2.89 21.38
CA ASP B 37 14.81 -1.80 20.44
C ASP B 37 13.44 -1.13 20.63
N SER B 38 13.27 0.03 20.01
CA SER B 38 12.04 0.78 20.12
C SER B 38 11.67 1.37 18.79
N ILE B 39 10.37 1.44 18.51
CA ILE B 39 9.86 2.09 17.32
C ILE B 39 8.40 2.45 17.54
N PRO B 40 7.96 3.62 17.06
CA PRO B 40 6.54 3.96 17.17
C PRO B 40 5.65 2.95 16.45
N ASP B 41 5.98 2.64 15.20
CA ASP B 41 5.18 1.72 14.41
C ASP B 41 6.09 0.70 13.72
N ALA B 42 5.95 -0.55 14.11
CA ALA B 42 6.83 -1.62 13.62
C ALA B 42 6.48 -2.16 12.22
N TRP B 43 5.23 -1.98 11.79
CA TRP B 43 4.75 -2.62 10.57
C TRP B 43 5.69 -2.44 9.37
N PRO B 44 5.96 -1.18 8.97
CA PRO B 44 6.78 -0.99 7.76
C PRO B 44 8.16 -1.67 7.84
N ALA B 45 8.80 -1.61 9.00
CA ALA B 45 10.10 -2.24 9.16
C ALA B 45 9.95 -3.75 9.09
N ILE B 46 8.87 -4.27 9.66
CA ILE B 46 8.65 -5.70 9.64
C ILE B 46 8.53 -6.22 8.22
N LYS B 47 7.78 -5.50 7.39
CA LYS B 47 7.70 -5.89 5.99
C LYS B 47 9.09 -5.92 5.36
N THR B 48 9.89 -4.88 5.58
CA THR B 48 11.22 -4.82 4.97
C THR B 48 12.12 -5.93 5.51
N GLN B 49 12.19 -6.05 6.83
CA GLN B 49 13.03 -7.05 7.46
C GLN B 49 12.70 -8.48 7.04
N VAL B 50 11.42 -8.83 7.07
CA VAL B 50 10.99 -10.19 6.74
C VAL B 50 11.12 -10.47 5.24
N GLY B 51 10.91 -9.44 4.42
CA GLY B 51 11.05 -9.59 2.98
C GLY B 51 12.50 -9.79 2.56
N SER B 52 13.43 -9.43 3.44
CA SER B 52 14.85 -9.67 3.17
C SER B 52 15.25 -11.10 3.47
N GLY B 53 14.44 -11.80 4.26
CA GLY B 53 14.79 -13.14 4.71
C GLY B 53 15.78 -13.16 5.87
N LYS B 54 16.21 -11.97 6.31
CA LYS B 54 17.15 -11.89 7.43
C LYS B 54 16.83 -10.73 8.38
N PRO B 55 15.72 -10.83 9.11
CA PRO B 55 15.37 -9.72 10.01
C PRO B 55 16.35 -9.59 11.17
N ILE B 56 16.45 -8.39 11.72
CA ILE B 56 17.25 -8.17 12.92
C ILE B 56 16.42 -8.31 14.17
N TRP B 57 15.09 -8.14 14.05
CA TRP B 57 14.22 -8.27 15.21
C TRP B 57 13.69 -9.69 15.33
N ASP B 58 13.44 -10.13 16.57
CA ASP B 58 12.82 -11.44 16.83
C ASP B 58 11.37 -11.32 17.26
N VAL B 59 11.16 -10.61 18.36
CA VAL B 59 9.86 -10.52 19.01
C VAL B 59 9.39 -9.08 19.01
N VAL B 60 8.19 -8.87 18.50
CA VAL B 60 7.61 -7.55 18.46
C VAL B 60 6.35 -7.45 19.33
N ASP B 61 6.26 -6.34 20.07
CA ASP B 61 5.08 -5.99 20.86
C ASP B 61 4.30 -4.93 20.08
N THR B 62 3.10 -5.26 19.63
CA THR B 62 2.41 -4.36 18.70
C THR B 62 0.88 -4.47 18.85
N PRO B 63 0.15 -3.38 18.55
CA PRO B 63 -1.31 -3.47 18.64
C PRO B 63 -1.82 -4.73 17.94
N THR B 64 -2.71 -5.43 18.62
CA THR B 64 -3.15 -6.77 18.22
C THR B 64 -3.65 -6.88 16.76
N GLY B 65 -4.35 -5.85 16.29
CA GLY B 65 -4.83 -5.82 14.92
C GLY B 65 -3.75 -6.14 13.88
N TYR B 66 -2.54 -5.63 14.10
CA TYR B 66 -1.44 -5.82 13.15
C TYR B 66 -1.00 -7.27 13.08
N CYS B 67 -0.96 -7.92 14.24
CA CYS B 67 -0.63 -9.35 14.31
C CYS B 67 -1.50 -10.16 13.37
N LEU B 68 -2.78 -9.82 13.33
CA LEU B 68 -3.73 -10.57 12.52
C LEU B 68 -3.42 -10.42 11.03
N ARG B 69 -3.22 -9.19 10.58
CA ARG B 69 -2.88 -8.92 9.19
C ARG B 69 -1.51 -9.51 8.86
N GLY B 70 -0.56 -9.29 9.77
CA GLY B 70 0.77 -9.85 9.63
C GLY B 70 0.79 -11.35 9.43
N GLY B 71 0.09 -12.08 10.30
CA GLY B 71 0.06 -13.54 10.23
C GLY B 71 -0.51 -14.00 8.92
N GLU B 72 -1.61 -13.37 8.50
CA GLU B 72 -2.28 -13.72 7.26
C GLU B 72 -1.34 -13.57 6.07
N GLN B 73 -0.56 -12.49 6.08
CA GLN B 73 0.36 -12.16 4.98
C GLN B 73 1.71 -12.86 5.10
N GLY B 74 1.86 -13.72 6.10
CA GLY B 74 3.08 -14.48 6.27
C GLY B 74 4.28 -13.69 6.76
N LEU B 75 4.03 -12.60 7.49
CA LEU B 75 5.11 -11.80 8.06
C LEU B 75 5.55 -12.24 9.44
N ILE B 76 4.72 -13.06 10.10
CA ILE B 76 5.06 -13.52 11.46
C ILE B 76 4.77 -15.02 11.63
N GLU B 77 5.45 -15.64 12.58
CA GLU B 77 5.33 -17.08 12.81
C GLU B 77 3.96 -17.53 13.27
N LYS B 78 3.44 -18.58 12.64
CA LYS B 78 2.34 -19.31 13.24
C LYS B 78 2.94 -19.99 14.47
N LEU B 79 2.41 -19.68 15.64
CA LEU B 79 3.00 -20.19 16.87
C LEU B 79 2.55 -21.62 17.16
N ASP B 80 3.42 -22.38 17.81
CA ASP B 80 3.07 -23.72 18.27
C ASP B 80 2.89 -23.68 19.79
N PHE B 81 1.63 -23.62 20.22
CA PHE B 81 1.29 -23.38 21.61
C PHE B 81 1.59 -24.56 22.53
N SER B 82 1.88 -25.70 21.93
CA SER B 82 2.33 -26.84 22.72
C SER B 82 3.68 -26.50 23.34
N LYS B 83 4.36 -25.51 22.77
CA LYS B 83 5.64 -25.06 23.31
C LYS B 83 5.52 -23.79 24.15
N ILE B 84 4.31 -23.26 24.28
CA ILE B 84 4.06 -22.04 25.06
C ILE B 84 2.89 -22.26 26.02
N PRO B 85 3.08 -23.12 27.03
CA PRO B 85 1.98 -23.55 27.90
C PRO B 85 1.26 -22.41 28.64
N ASN B 86 1.98 -21.39 29.09
CA ASN B 86 1.31 -20.28 29.73
C ASN B 86 0.30 -19.61 28.79
N ALA B 87 0.63 -19.56 27.50
CA ALA B 87 -0.27 -18.98 26.50
C ALA B 87 -1.42 -19.92 26.20
N ALA B 88 -1.09 -21.19 25.99
CA ALA B 88 -2.08 -22.21 25.68
C ALA B 88 -3.19 -22.28 26.73
N ALA B 89 -2.85 -21.97 27.97
CA ALA B 89 -3.81 -22.04 29.06
C ALA B 89 -4.65 -20.76 29.17
N PRO B 91 -7.48 -18.21 27.80
CA PRO B 91 -8.69 -18.38 26.96
C PRO B 91 -8.41 -17.99 25.51
N GLU B 92 -9.04 -18.68 24.56
CA GLU B 92 -8.74 -18.50 23.15
C GLU B 92 -8.93 -17.06 22.70
N ALA B 93 -9.81 -16.34 23.37
CA ALA B 93 -10.09 -14.95 23.01
C ALA B 93 -8.91 -14.03 23.24
N TYR B 94 -7.93 -14.49 24.02
CA TYR B 94 -6.75 -13.69 24.35
C TYR B 94 -5.57 -13.98 23.44
N ARG B 95 -5.78 -14.82 22.43
CA ARG B 95 -4.71 -15.16 21.51
C ARG B 95 -5.20 -15.41 20.10
N SER B 96 -4.26 -15.44 19.16
CA SER B 96 -4.56 -15.75 17.77
C SER B 96 -3.60 -16.86 17.41
N PRO B 97 -3.68 -17.37 16.18
CA PRO B 97 -2.69 -18.39 15.82
C PRO B 97 -1.26 -17.79 15.71
N TYR B 98 -1.15 -16.46 15.68
CA TYR B 98 0.13 -15.80 15.42
C TYR B 98 0.65 -14.95 16.57
N SER B 99 -0.12 -14.86 17.65
CA SER B 99 0.19 -13.88 18.69
C SER B 99 -0.47 -14.20 20.02
N VAL B 100 -0.07 -13.46 21.05
CA VAL B 100 -0.67 -13.58 22.36
CA VAL B 100 -0.68 -13.58 22.36
C VAL B 100 -0.82 -12.21 23.02
N SER B 101 -1.98 -12.00 23.63
CA SER B 101 -2.26 -10.78 24.37
CA SER B 101 -2.25 -10.78 24.36
C SER B 101 -1.16 -10.49 25.39
N TYR B 102 -0.63 -9.29 25.35
CA TYR B 102 0.47 -8.91 26.22
C TYR B 102 0.00 -7.95 27.31
N GLU B 103 -0.87 -7.03 26.94
CA GLU B 103 -1.14 -5.87 27.76
C GLU B 103 -2.38 -5.15 27.25
N PHE B 104 -3.17 -4.59 28.16
CA PHE B 104 -4.39 -3.87 27.82
C PHE B 104 -4.29 -2.38 28.21
N TYR B 105 -4.69 -1.52 27.28
CA TYR B 105 -4.71 -0.08 27.54
C TYR B 105 -6.00 0.52 27.00
N SER B 106 -6.33 1.74 27.43
CA SER B 106 -7.57 2.36 26.98
C SER B 106 -7.41 3.74 26.37
N SER B 107 -8.30 4.08 25.43
CA SER B 107 -8.50 5.46 25.01
C SER B 107 -9.66 5.97 25.83
N VAL B 108 -9.43 7.02 26.61
CA VAL B 108 -10.46 7.47 27.54
C VAL B 108 -10.78 8.96 27.40
N LEU B 109 -11.93 9.32 27.93
CA LEU B 109 -12.32 10.70 28.09
C LEU B 109 -11.58 11.25 29.31
N ALA B 110 -10.59 12.09 29.04
CA ALA B 110 -9.82 12.79 30.09
C ALA B 110 -10.27 14.25 30.16
N TYR B 111 -10.09 14.87 31.31
CA TYR B 111 -10.60 16.22 31.52
C TYR B 111 -9.93 16.95 32.69
N SER B 112 -9.94 18.27 32.60
CA SER B 112 -9.41 19.12 33.67
C SER B 112 -10.35 19.20 34.87
N GLN B 113 -9.82 18.91 36.06
CA GLN B 113 -10.59 19.08 37.31
C GLN B 113 -10.68 20.54 37.72
N LYS B 114 -9.78 21.37 37.22
CA LYS B 114 -9.85 22.80 37.46
C LYS B 114 -11.08 23.33 36.75
N THR B 115 -11.25 22.89 35.50
CA THR B 115 -12.40 23.31 34.72
C THR B 115 -13.68 22.63 35.18
N PHE B 116 -13.57 21.37 35.59
CA PHE B 116 -14.75 20.62 36.02
C PHE B 116 -14.56 20.10 37.44
N PRO B 117 -14.65 20.98 38.44
CA PRO B 117 -14.52 20.61 39.85
C PRO B 117 -15.59 19.58 40.21
N LYS B 118 -16.77 19.73 39.62
CA LYS B 118 -17.86 18.78 39.79
C LYS B 118 -18.58 18.64 38.45
N ASP B 119 -19.37 17.57 38.31
CA ASP B 119 -20.09 17.33 37.06
C ASP B 119 -19.17 17.40 35.84
N ALA B 120 -18.17 16.53 35.82
CA ALA B 120 -17.30 16.42 34.65
C ALA B 120 -18.02 15.65 33.57
N PRO B 121 -17.65 15.88 32.29
CA PRO B 121 -18.19 15.04 31.23
C PRO B 121 -17.86 13.57 31.51
N ASN B 122 -18.80 12.66 31.21
CA ASN B 122 -18.67 11.27 31.61
C ASN B 122 -18.97 10.29 30.46
N SER B 123 -19.02 10.80 29.25
CA SER B 123 -19.31 9.93 28.09
C SER B 123 -19.06 10.73 26.84
N TRP B 124 -19.07 10.07 25.69
CA TRP B 124 -18.81 10.78 24.45
C TRP B 124 -20.01 11.66 24.07
N VAL B 125 -21.20 11.29 24.54
CA VAL B 125 -22.36 12.16 24.42
C VAL B 125 -22.06 13.50 25.10
N ASP B 126 -21.44 13.47 26.28
CA ASP B 126 -21.13 14.70 27.00
C ASP B 126 -20.07 15.47 26.20
N PHE B 127 -19.10 14.73 25.68
CA PHE B 127 -17.99 15.32 24.92
C PHE B 127 -18.55 16.03 23.69
N TRP B 128 -19.53 15.42 23.03
CA TRP B 128 -20.17 16.10 21.89
C TRP B 128 -21.09 17.25 22.31
N ASP B 129 -21.41 17.35 23.60
CA ASP B 129 -22.40 18.35 24.04
C ASP B 129 -21.73 19.65 24.49
N VAL B 130 -21.46 20.51 23.51
CA VAL B 130 -20.65 21.70 23.74
C VAL B 130 -21.34 22.77 24.58
N LYS B 131 -22.66 22.79 24.56
CA LYS B 131 -23.40 23.80 25.32
C LYS B 131 -23.48 23.43 26.80
N LYS B 132 -23.61 22.14 27.07
CA LYS B 132 -23.68 21.66 28.46
C LYS B 132 -22.29 21.61 29.09
N PHE B 133 -21.30 21.23 28.30
CA PHE B 133 -19.92 21.11 28.77
C PHE B 133 -19.01 21.99 27.92
N PRO B 134 -19.02 23.30 28.15
CA PRO B 134 -18.14 24.17 27.36
C PRO B 134 -16.66 23.94 27.69
N GLY B 135 -15.78 24.23 26.73
CA GLY B 135 -14.35 24.11 26.95
C GLY B 135 -13.58 23.65 25.72
N ARG B 136 -12.26 23.79 25.77
CA ARG B 136 -11.42 23.37 24.65
C ARG B 136 -11.27 21.86 24.61
N ARG B 137 -11.25 21.30 23.41
CA ARG B 137 -11.23 19.85 23.27
C ARG B 137 -10.24 19.38 22.23
N ALA B 138 -9.72 18.18 22.44
CA ALA B 138 -8.85 17.55 21.47
C ALA B 138 -9.25 16.11 21.21
N LEU B 139 -9.00 15.68 19.98
CA LEU B 139 -9.15 14.27 19.61
C LEU B 139 -7.86 13.89 18.93
N ARG B 140 -7.65 12.59 18.77
CA ARG B 140 -6.45 12.12 18.08
C ARG B 140 -6.67 12.19 16.57
N ASN B 141 -5.64 12.60 15.84
CA ASN B 141 -5.70 12.60 14.39
C ASN B 141 -5.52 11.19 13.83
N HIS B 142 -6.55 10.37 14.00
CA HIS B 142 -6.51 8.98 13.58
C HIS B 142 -7.88 8.40 13.73
N PRO B 143 -8.26 7.47 12.85
CA PRO B 143 -9.61 6.91 12.92
C PRO B 143 -9.80 5.89 14.05
N ILE B 144 -8.72 5.25 14.49
CA ILE B 144 -8.88 4.17 15.48
C ILE B 144 -9.29 4.72 16.85
N ALA B 145 -10.35 4.13 17.42
CA ALA B 145 -10.98 4.60 18.67
C ALA B 145 -11.82 5.87 18.44
N THR B 146 -11.30 6.75 17.62
CA THR B 146 -11.99 8.00 17.31
C THR B 146 -13.36 7.76 16.68
N LEU B 147 -13.44 6.84 15.71
CA LEU B 147 -14.73 6.51 15.10
C LEU B 147 -15.70 5.89 16.11
N GLU B 148 -15.18 5.04 16.99
CA GLU B 148 -16.05 4.39 17.97
C GLU B 148 -16.66 5.43 18.93
N ALA B 149 -15.83 6.37 19.36
CA ALA B 149 -16.28 7.45 20.23
C ALA B 149 -17.39 8.24 19.54
N ALA B 150 -17.24 8.48 18.25
CA ALA B 150 -18.24 9.25 17.51
C ALA B 150 -19.57 8.50 17.46
N LEU B 151 -19.51 7.19 17.23
CA LEU B 151 -20.73 6.38 17.23
C LEU B 151 -21.40 6.36 18.60
N ALA B 153 -21.09 8.68 20.77
CA ALA B 153 -21.63 10.03 20.87
C ALA B 153 -23.04 10.12 20.25
N ASP B 154 -23.27 9.28 19.25
CA ASP B 154 -24.52 9.33 18.53
C ASP B 154 -25.52 8.35 19.15
N GLY B 155 -25.15 7.76 20.27
CA GLY B 155 -26.08 6.93 21.03
C GLY B 155 -25.94 5.44 20.85
N VAL B 156 -24.95 5.02 20.07
CA VAL B 156 -24.73 3.58 19.92
C VAL B 156 -24.15 3.03 21.23
N ALA B 157 -24.62 1.85 21.64
CA ALA B 157 -24.16 1.26 22.88
C ALA B 157 -22.79 0.66 22.65
N PRO B 158 -21.93 0.70 23.68
CA PRO B 158 -20.54 0.22 23.55
C PRO B 158 -20.46 -1.22 23.05
N ASP B 159 -21.39 -2.07 23.46
CA ASP B 159 -21.35 -3.46 23.04
C ASP B 159 -22.09 -3.72 21.71
N LYS B 160 -22.50 -2.67 21.01
CA LYS B 160 -23.21 -2.84 19.73
C LYS B 160 -22.58 -2.04 18.58
N LEU B 161 -21.31 -1.72 18.72
CA LEU B 161 -20.61 -0.90 17.74
C LEU B 161 -20.28 -1.59 16.40
N TYR B 162 -19.86 -2.85 16.46
CA TYR B 162 -19.34 -3.51 15.27
C TYR B 162 -20.37 -4.38 14.57
N PRO B 163 -20.32 -4.44 13.23
CA PRO B 163 -19.43 -3.68 12.35
C PRO B 163 -19.76 -2.18 12.37
N LEU B 164 -18.74 -1.32 12.36
CA LEU B 164 -18.96 0.12 12.50
C LEU B 164 -19.76 0.73 11.35
N ASP B 165 -20.70 1.61 11.70
CA ASP B 165 -21.42 2.38 10.71
C ASP B 165 -20.55 3.58 10.37
N VAL B 166 -19.64 3.38 9.43
CA VAL B 166 -18.59 4.37 9.19
C VAL B 166 -19.14 5.74 8.76
N ASP B 167 -20.12 5.73 7.87
CA ASP B 167 -20.80 6.95 7.42
C ASP B 167 -21.31 7.77 8.59
N ARG B 168 -21.96 7.09 9.52
CA ARG B 168 -22.54 7.74 10.68
C ARG B 168 -21.45 8.31 11.61
N ALA B 169 -20.35 7.58 11.75
CA ALA B 169 -19.23 8.07 12.57
C ALA B 169 -18.72 9.37 11.98
N PHE B 170 -18.48 9.38 10.68
CA PHE B 170 -17.93 10.55 10.03
C PHE B 170 -18.88 11.73 10.11
N LYS B 171 -20.17 11.47 9.96
CA LYS B 171 -21.16 12.52 10.10
C LYS B 171 -21.06 13.18 11.49
N LYS B 172 -21.03 12.38 12.56
CA LYS B 172 -20.86 12.94 13.91
C LYS B 172 -19.54 13.68 14.04
N LEU B 173 -18.50 13.13 13.44
CA LEU B 173 -17.19 13.76 13.53
C LEU B 173 -17.16 15.12 12.84
N GLU B 174 -17.87 15.24 11.71
CA GLU B 174 -17.85 16.47 10.95
C GLU B 174 -18.57 17.55 11.75
N GLU B 175 -19.44 17.10 12.64
CA GLU B 175 -20.25 17.99 13.45
C GLU B 175 -19.47 18.59 14.63
N ILE B 176 -18.58 17.81 15.22
CA ILE B 176 -17.80 18.29 16.37
C ILE B 176 -16.58 19.07 15.87
N LYS B 177 -16.24 18.87 14.59
CA LYS B 177 -14.94 19.29 14.08
C LYS B 177 -14.62 20.77 14.35
N PRO B 178 -15.59 21.67 14.11
CA PRO B 178 -15.27 23.09 14.37
C PRO B 178 -14.97 23.33 15.84
N HIS B 179 -15.32 22.40 16.70
CA HIS B 179 -15.13 22.56 18.15
C HIS B 179 -13.87 21.89 18.66
N ILE B 180 -13.14 21.24 17.77
CA ILE B 180 -11.88 20.64 18.16
C ILE B 180 -10.74 21.67 18.09
N THR B 181 -10.08 21.87 19.22
CA THR B 181 -8.99 22.84 19.31
C THR B 181 -7.73 22.28 18.63
N VAL B 182 -7.40 21.04 18.97
CA VAL B 182 -6.22 20.39 18.45
C VAL B 182 -6.54 18.93 18.12
N TRP B 183 -6.05 18.47 16.97
CA TRP B 183 -6.03 17.05 16.66
C TRP B 183 -4.62 16.53 16.96
N TRP B 184 -4.43 15.88 18.10
CA TRP B 184 -3.06 15.49 18.49
C TRP B 184 -2.54 14.30 17.71
N THR B 185 -1.21 14.17 17.68
CA THR B 185 -0.52 13.16 16.89
C THR B 185 0.44 12.31 17.71
N SER B 186 0.77 12.74 18.93
CA SER B 186 1.56 11.88 19.81
C SER B 186 1.07 11.89 21.24
N GLY B 187 1.34 10.80 21.94
CA GLY B 187 0.96 10.67 23.33
C GLY B 187 1.48 11.83 24.17
N ALA B 188 2.76 12.13 24.01
CA ALA B 188 3.39 13.18 24.77
C ALA B 188 2.67 14.52 24.57
N GLN B 189 2.35 14.82 23.31
CA GLN B 189 1.59 16.03 23.00
C GLN B 189 0.26 16.02 23.71
N SER B 190 -0.43 14.88 23.70
CA SER B 190 -1.73 14.80 24.35
C SER B 190 -1.61 15.06 25.84
N ALA B 191 -0.51 14.60 26.47
CA ALA B 191 -0.32 14.84 27.91
C ALA B 191 -0.04 16.32 28.19
N GLN B 192 0.85 16.90 27.39
CA GLN B 192 1.19 18.33 27.50
C GLN B 192 -0.05 19.22 27.35
N LEU B 193 -0.92 18.90 26.39
CA LEU B 193 -2.17 19.65 26.19
C LEU B 193 -3.02 19.70 27.44
N LEU B 194 -3.14 18.57 28.12
CA LEU B 194 -3.89 18.51 29.37
C LEU B 194 -3.17 19.25 30.49
N ASN B 195 -1.87 19.03 30.58
CA ASN B 195 -1.06 19.61 31.64
C ASN B 195 -1.04 21.14 31.62
N ASP B 196 -0.98 21.73 30.42
CA ASP B 196 -0.85 23.19 30.33
C ASP B 196 -2.18 23.91 30.18
N GLY B 197 -3.26 23.15 30.21
CA GLY B 197 -4.59 23.72 30.10
C GLY B 197 -5.02 24.12 28.70
N GLU B 198 -4.22 23.80 27.69
CA GLU B 198 -4.62 24.11 26.31
C GLU B 198 -5.94 23.44 25.94
N VAL B 199 -6.22 22.26 26.50
CA VAL B 199 -7.55 21.68 26.37
C VAL B 199 -8.14 21.39 27.74
N ASP B 200 -9.48 21.41 27.84
CA ASP B 200 -10.17 21.12 29.08
C ASP B 200 -10.67 19.67 29.07
N GLU B 202 -10.28 15.81 26.40
CA GLU B 202 -9.77 15.17 25.19
C GLU B 202 -9.90 13.66 25.32
N ALA B 204 -7.63 10.51 25.25
CA ALA B 204 -6.21 10.29 25.51
C ALA B 204 -6.02 8.85 25.93
N TRP B 205 -4.79 8.34 25.82
CA TRP B 205 -4.49 7.03 26.37
C TRP B 205 -4.42 7.15 27.89
N ASN B 206 -4.94 6.15 28.61
CA ASN B 206 -5.12 6.30 30.05
C ASN B 206 -3.75 6.41 30.74
N GLY B 207 -2.76 5.72 30.19
CA GLY B 207 -1.41 5.79 30.73
C GLY B 207 -0.84 7.19 30.71
N ARG B 208 -1.04 7.91 29.62
CA ARG B 208 -0.58 9.29 29.51
C ARG B 208 -1.28 10.21 30.54
N VAL B 209 -2.57 9.99 30.75
CA VAL B 209 -3.33 10.84 31.66
C VAL B 209 -2.90 10.55 33.08
N SER B 210 -2.82 9.26 33.39
CA SER B 210 -2.35 8.80 34.68
C SER B 210 -1.01 9.46 35.04
N ALA B 211 -0.07 9.42 34.11
CA ALA B 211 1.29 9.91 34.37
C ALA B 211 1.28 11.41 34.65
N VAL B 212 0.50 12.16 33.87
CA VAL B 212 0.40 13.60 34.08
C VAL B 212 -0.25 13.94 35.42
N ALA B 213 -1.24 13.14 35.81
CA ALA B 213 -1.91 13.37 37.08
C ALA B 213 -0.97 13.05 38.25
N LYS B 214 -0.12 12.04 38.08
CA LYS B 214 0.90 11.72 39.09
C LYS B 214 1.89 12.87 39.27
N GLU B 215 2.22 13.55 38.18
CA GLU B 215 3.16 14.67 38.21
CA GLU B 215 3.17 14.65 38.25
C GLU B 215 2.58 15.83 39.00
N GLY B 216 1.26 15.80 39.23
CA GLY B 216 0.59 16.83 40.01
C GLY B 216 -0.48 17.65 39.29
N ALA B 217 -0.68 17.38 38.01
CA ALA B 217 -1.69 18.12 37.25
C ALA B 217 -3.10 17.78 37.73
N LYS B 218 -3.96 18.78 37.81
CA LYS B 218 -5.33 18.56 38.25
C LYS B 218 -6.20 18.07 37.10
N VAL B 219 -5.97 16.82 36.72
CA VAL B 219 -6.72 16.17 35.66
C VAL B 219 -7.12 14.75 36.06
N SER B 220 -8.05 14.19 35.32
CA SER B 220 -8.55 12.85 35.59
C SER B 220 -9.17 12.33 34.32
N PHE B 221 -9.77 11.15 34.39
CA PHE B 221 -10.48 10.56 33.27
C PHE B 221 -11.48 9.55 33.80
N THR B 222 -12.35 9.08 32.92
CA THR B 222 -13.24 8.00 33.29
C THR B 222 -13.06 6.86 32.32
N TYR B 223 -13.29 5.64 32.81
CA TYR B 223 -13.33 4.45 31.96
C TYR B 223 -14.67 4.35 31.24
N ASN B 224 -15.68 5.07 31.72
CA ASN B 224 -16.98 5.03 31.06
C ASN B 224 -16.92 5.33 29.57
N GLN B 225 -17.38 4.37 28.76
CA GLN B 225 -17.32 4.48 27.29
C GLN B 225 -15.89 4.58 26.74
N GLY B 226 -14.90 4.20 27.54
CA GLY B 226 -13.54 4.13 27.05
C GLY B 226 -13.46 3.03 25.98
N ILE B 227 -12.43 3.08 25.13
CA ILE B 227 -12.22 2.03 24.14
C ILE B 227 -11.08 1.13 24.57
N LEU B 228 -11.42 -0.09 24.95
CA LEU B 228 -10.46 -1.04 25.50
C LEU B 228 -9.70 -1.75 24.37
N GLN B 229 -8.38 -1.62 24.40
CA GLN B 229 -7.50 -2.10 23.36
C GLN B 229 -6.34 -2.92 23.94
N SER B 230 -5.52 -3.54 23.08
CA SER B 230 -4.38 -4.34 23.54
C SER B 230 -3.24 -4.41 22.54
N THR B 231 -2.04 -4.68 23.04
CA THR B 231 -0.95 -5.12 22.18
C THR B 231 -0.71 -6.61 22.47
N SER B 232 -0.12 -7.30 21.50
CA SER B 232 0.20 -8.71 21.61
C SER B 232 1.66 -8.91 21.21
N LEU B 233 2.21 -10.07 21.55
CA LEU B 233 3.58 -10.39 21.17
C LEU B 233 3.49 -11.32 19.99
N CYS B 234 4.39 -11.16 19.04
CA CYS B 234 4.49 -12.07 17.92
C CYS B 234 5.98 -12.21 17.57
N ILE B 235 6.30 -13.19 16.73
CA ILE B 235 7.67 -13.47 16.33
C ILE B 235 7.80 -13.29 14.81
N LEU B 236 8.77 -12.48 14.38
CA LEU B 236 8.98 -12.27 12.96
C LEU B 236 9.25 -13.59 12.26
N LYS B 237 8.68 -13.76 11.06
CA LYS B 237 9.00 -14.92 10.25
C LYS B 237 10.48 -14.82 9.89
N GLY B 238 11.25 -15.86 10.18
CA GLY B 238 12.67 -15.87 9.88
C GLY B 238 13.49 -15.31 11.02
N ALA B 239 12.84 -14.94 12.12
CA ALA B 239 13.56 -14.51 13.31
C ALA B 239 14.85 -15.33 13.45
N PRO B 240 15.99 -14.64 13.64
CA PRO B 240 17.26 -15.35 13.77
C PRO B 240 17.35 -16.16 15.07
N ASN B 241 16.54 -15.82 16.07
CA ASN B 241 16.53 -16.59 17.31
C ASN B 241 15.17 -17.14 17.66
N LEU B 242 14.59 -17.86 16.71
CA LEU B 242 13.23 -18.41 16.82
C LEU B 242 12.97 -19.24 18.08
N GLU B 243 13.85 -20.22 18.33
CA GLU B 243 13.71 -21.10 19.48
C GLU B 243 13.70 -20.33 20.80
N THR B 244 14.70 -19.47 20.98
CA THR B 244 14.78 -18.66 22.18
C THR B 244 13.57 -17.72 22.28
N ALA B 245 13.15 -17.16 21.15
CA ALA B 245 11.99 -16.27 21.13
C ALA B 245 10.73 -16.98 21.62
N VAL B 246 10.52 -18.20 21.12
CA VAL B 246 9.40 -19.01 21.57
C VAL B 246 9.42 -19.22 23.09
N LYS B 247 10.59 -19.47 23.65
CA LYS B 247 10.72 -19.65 25.11
C LYS B 247 10.46 -18.35 25.85
N PHE B 248 10.93 -17.24 25.30
CA PHE B 248 10.62 -15.96 25.91
C PHE B 248 9.12 -15.66 25.97
N LEU B 249 8.39 -15.91 24.88
CA LEU B 249 6.95 -15.62 24.88
C LEU B 249 6.28 -16.28 26.08
N ASN B 250 6.66 -17.53 26.34
CA ASN B 250 6.08 -18.28 27.43
C ASN B 250 6.32 -17.55 28.75
N GLU B 251 7.54 -17.04 28.93
CA GLU B 251 7.85 -16.29 30.15
C GLU B 251 7.13 -14.94 30.17
N ALA B 252 6.98 -14.33 29.00
CA ALA B 252 6.36 -13.01 28.89
C ALA B 252 4.93 -13.01 29.42
N VAL B 253 4.20 -14.10 29.24
CA VAL B 253 2.82 -14.15 29.71
C VAL B 253 2.65 -15.07 30.93
N ASP B 254 3.75 -15.33 31.62
CA ASP B 254 3.67 -15.98 32.91
C ASP B 254 2.82 -15.08 33.83
N PRO B 255 1.87 -15.68 34.57
CA PRO B 255 0.93 -14.86 35.35
C PRO B 255 1.62 -13.89 36.33
N VAL B 256 2.65 -14.36 37.02
CA VAL B 256 3.33 -13.51 37.99
C VAL B 256 4.09 -12.34 37.32
N HIS B 257 4.78 -12.60 36.21
CA HIS B 257 5.47 -11.54 35.50
C HIS B 257 4.43 -10.54 35.01
N GLN B 258 3.36 -11.06 34.44
CA GLN B 258 2.29 -10.23 33.94
C GLN B 258 1.69 -9.38 35.05
N ALA B 259 1.59 -9.95 36.23
CA ALA B 259 0.94 -9.24 37.34
C ALA B 259 1.81 -8.09 37.82
N ASN B 260 3.11 -8.16 37.55
CA ASN B 260 4.01 -7.12 38.02
C ASN B 260 3.97 -5.87 37.15
N LEU B 261 3.49 -6.02 35.91
CA LEU B 261 3.47 -4.89 35.00
C LEU B 261 2.63 -3.73 35.55
N PRO B 262 1.40 -4.01 36.01
CA PRO B 262 0.56 -2.93 36.58
C PRO B 262 1.18 -2.29 37.82
N LEU B 263 2.14 -2.96 38.46
CA LEU B 263 2.82 -2.34 39.60
C LEU B 263 3.68 -1.14 39.13
N HIS B 264 3.97 -1.05 37.84
CA HIS B 264 4.90 -0.03 37.33
C HIS B 264 4.32 0.89 36.28
N ILE B 265 3.16 0.51 35.75
CA ILE B 265 2.44 1.35 34.82
C ILE B 265 0.94 0.96 34.85
N ASP B 266 0.09 1.88 34.43
CA ASP B 266 -1.35 1.75 34.59
C ASP B 266 -2.01 0.97 33.43
N TYR B 267 -1.37 -0.11 33.00
CA TYR B 267 -1.98 -0.98 31.98
C TYR B 267 -2.33 -2.36 32.56
N GLY B 268 -3.33 -3.01 31.98
CA GLY B 268 -3.78 -4.28 32.52
C GLY B 268 -3.02 -5.42 31.89
N PRO B 269 -2.96 -6.55 32.61
CA PRO B 269 -2.20 -7.69 32.09
C PRO B 269 -2.88 -8.34 30.89
N GLY B 270 -2.10 -8.70 29.88
CA GLY B 270 -2.63 -9.54 28.82
C GLY B 270 -3.18 -10.88 29.34
N ASN B 271 -2.55 -11.43 30.37
CA ASN B 271 -3.01 -12.70 30.94
C ASN B 271 -3.91 -12.50 32.17
N PRO B 272 -5.21 -12.78 32.04
CA PRO B 272 -6.10 -12.43 33.15
C PRO B 272 -5.76 -13.21 34.42
N LYS B 273 -5.07 -14.33 34.27
CA LYS B 273 -4.68 -15.09 35.45
C LYS B 273 -3.79 -14.24 36.37
N ALA B 274 -3.26 -13.14 35.87
CA ALA B 274 -2.43 -12.24 36.70
C ALA B 274 -3.21 -11.71 37.92
N PHE B 275 -4.52 -11.51 37.77
CA PHE B 275 -5.36 -11.04 38.89
C PHE B 275 -5.48 -12.06 40.02
N GLU B 276 -5.16 -13.32 39.74
CA GLU B 276 -5.26 -14.37 40.75
C GLU B 276 -3.96 -14.58 41.54
N THR B 277 -2.91 -13.87 41.14
CA THR B 277 -1.59 -14.06 41.78
C THR B 277 -1.45 -13.38 43.14
N ASN B 278 -2.40 -12.52 43.50
CA ASN B 278 -2.32 -11.71 44.73
C ASN B 278 -1.14 -10.71 44.73
N VAL B 279 -0.53 -10.51 43.58
CA VAL B 279 0.58 -9.58 43.45
C VAL B 279 0.07 -8.13 43.44
N ILE B 280 -1.04 -7.90 42.75
CA ILE B 280 -1.63 -6.57 42.65
C ILE B 280 -2.55 -6.22 43.82
N LYS B 281 -2.37 -5.04 44.40
CA LYS B 281 -3.26 -4.59 45.48
C LYS B 281 -4.66 -4.26 44.95
N PRO B 282 -5.70 -4.54 45.75
CA PRO B 282 -7.08 -4.29 45.29
C PRO B 282 -7.24 -2.87 44.75
N GLU B 283 -6.81 -1.87 45.51
CA GLU B 283 -6.98 -0.47 45.11
C GLU B 283 -6.31 -0.20 43.78
N ARG B 284 -5.21 -0.88 43.53
CA ARG B 284 -4.47 -0.68 42.29
C ARG B 284 -5.19 -1.36 41.12
N ALA B 285 -5.68 -2.57 41.37
CA ALA B 285 -6.43 -3.34 40.38
C ALA B 285 -7.61 -2.52 39.83
N ALA B 286 -8.30 -1.82 40.73
CA ALA B 286 -9.48 -1.05 40.37
C ALA B 286 -9.14 0.09 39.42
N GLN B 287 -7.85 0.36 39.22
CA GLN B 287 -7.43 1.44 38.32
C GLN B 287 -7.06 0.94 36.93
N LEU B 288 -7.11 -0.37 36.74
CA LEU B 288 -6.59 -0.93 35.49
C LEU B 288 -7.64 -1.00 34.38
N PRO B 289 -7.21 -0.74 33.14
CA PRO B 289 -8.12 -0.75 31.98
C PRO B 289 -8.92 -2.05 31.84
N SER B 290 -8.29 -3.18 32.14
CA SER B 290 -8.94 -4.47 31.90
C SER B 290 -9.49 -5.14 33.16
N GLU B 291 -9.53 -4.42 34.26
CA GLU B 291 -10.22 -4.93 35.44
C GLU B 291 -11.68 -5.11 35.02
N PRO B 292 -12.32 -6.21 35.46
CA PRO B 292 -13.67 -6.54 34.98
C PRO B 292 -14.68 -5.39 35.07
N ALA B 293 -14.79 -4.79 36.25
CA ALA B 293 -15.71 -3.68 36.44
C ALA B 293 -15.40 -2.55 35.46
N ASN B 294 -14.12 -2.28 35.23
CA ASN B 294 -13.71 -1.24 34.28
C ASN B 294 -13.95 -1.65 32.84
N ALA B 295 -13.61 -2.89 32.49
CA ALA B 295 -13.84 -3.39 31.13
C ALA B 295 -15.32 -3.31 30.75
N ALA B 296 -16.21 -3.56 31.72
CA ALA B 296 -17.67 -3.60 31.47
C ALA B 296 -18.26 -2.27 31.03
N LYS B 297 -17.61 -1.16 31.41
CA LYS B 297 -18.05 0.18 31.00
C LYS B 297 -17.57 0.56 29.61
N GLN B 298 -16.70 -0.27 29.03
CA GLN B 298 -15.98 0.13 27.84
C GLN B 298 -16.40 -0.61 26.59
N ALA B 299 -16.04 -0.06 25.44
CA ALA B 299 -16.14 -0.74 24.16
C ALA B 299 -14.89 -1.57 23.97
N LEU B 300 -15.07 -2.84 23.64
CA LEU B 300 -13.94 -3.72 23.39
C LEU B 300 -13.62 -3.63 21.92
N SER B 302 -12.72 -4.20 18.25
CA SER B 302 -12.71 -5.39 17.41
C SER B 302 -11.55 -5.36 16.43
N TYR B 303 -10.49 -6.09 16.76
CA TYR B 303 -9.34 -6.16 15.87
C TYR B 303 -9.67 -6.93 14.60
N ALA B 304 -10.64 -7.84 14.67
CA ALA B 304 -11.17 -8.52 13.47
C ALA B 304 -11.79 -7.51 12.50
N TRP B 305 -12.55 -6.55 13.03
CA TRP B 305 -13.16 -5.56 12.16
C TRP B 305 -12.11 -4.61 11.57
N TRP B 306 -11.25 -4.06 12.43
CA TRP B 306 -10.24 -3.10 11.98
C TRP B 306 -9.24 -3.68 10.98
N SER B 307 -8.95 -4.97 11.11
CA SER B 307 -8.01 -5.63 10.21
C SER B 307 -8.66 -6.11 8.93
N SER B 308 -9.99 -6.00 8.83
CA SER B 308 -10.73 -6.42 7.64
C SER B 308 -10.69 -5.36 6.53
N PRO B 309 -11.18 -5.72 5.33
CA PRO B 309 -11.23 -4.72 4.24
C PRO B 309 -12.06 -3.49 4.62
N ALA B 310 -13.16 -3.67 5.34
CA ALA B 310 -13.95 -2.54 5.83
C ALA B 310 -13.11 -1.61 6.71
N GLY B 311 -12.24 -2.18 7.53
CA GLY B 311 -11.37 -1.38 8.40
C GLY B 311 -10.35 -0.60 7.58
N GLU B 312 -9.71 -1.28 6.63
CA GLU B 312 -8.80 -0.63 5.70
C GLU B 312 -9.49 0.52 4.98
N ALA B 313 -10.73 0.32 4.53
CA ALA B 313 -11.41 1.36 3.77
C ALA B 313 -11.70 2.56 4.66
N ALA B 314 -11.97 2.29 5.92
CA ALA B 314 -12.22 3.35 6.90
C ALA B 314 -10.96 4.17 7.14
N GLU B 315 -9.80 3.50 7.18
CA GLU B 315 -8.54 4.22 7.35
C GLU B 315 -8.26 5.12 6.15
N LYS B 316 -8.54 4.61 4.95
CA LYS B 316 -8.31 5.35 3.72
C LYS B 316 -9.18 6.60 3.62
N ARG B 317 -10.40 6.53 4.16
CA ARG B 317 -11.25 7.71 4.19
C ARG B 317 -10.72 8.79 5.15
N TRP B 318 -10.03 8.39 6.20
CA TRP B 318 -9.60 9.35 7.21
C TRP B 318 -8.79 10.48 6.58
N ALA B 319 -7.90 10.14 5.66
CA ALA B 319 -7.10 11.14 4.98
C ALA B 319 -7.99 12.18 4.30
N SER B 320 -9.03 11.72 3.61
CA SER B 320 -9.95 12.63 2.94
C SER B 320 -10.65 13.55 3.95
N PHE B 321 -11.03 12.98 5.09
CA PHE B 321 -11.74 13.72 6.13
C PHE B 321 -10.89 14.84 6.72
N GLN B 323 -8.87 17.28 5.89
CA GLN B 323 -8.38 18.28 4.92
C GLN B 323 -9.46 18.65 3.91
N ALA C 3 -10.80 -17.56 -44.41
CA ALA C 3 -11.05 -16.11 -44.39
C ALA C 3 -11.30 -15.62 -42.97
N GLN C 4 -10.66 -14.50 -42.61
CA GLN C 4 -10.73 -14.01 -41.24
C GLN C 4 -10.45 -12.53 -41.13
N ILE C 5 -10.87 -11.94 -40.01
CA ILE C 5 -10.48 -10.58 -39.65
C ILE C 5 -10.18 -10.52 -38.16
N THR C 6 -9.48 -9.47 -37.73
CA THR C 6 -9.41 -9.17 -36.30
C THR C 6 -10.24 -7.94 -35.94
N PHE C 7 -11.23 -8.15 -35.08
CA PHE C 7 -12.18 -7.12 -34.63
C PHE C 7 -11.92 -6.72 -33.17
N VAL C 8 -11.81 -5.42 -32.90
CA VAL C 8 -11.51 -4.95 -31.55
C VAL C 8 -12.58 -4.00 -31.02
N SER C 9 -12.99 -4.21 -29.77
CA SER C 9 -13.94 -3.32 -29.12
C SER C 9 -13.52 -3.10 -27.65
N GLN C 10 -14.46 -2.81 -26.75
CA GLN C 10 -14.08 -2.46 -25.38
C GLN C 10 -14.23 -3.59 -24.35
N GLY C 11 -14.52 -4.80 -24.82
CA GLY C 11 -14.65 -5.94 -23.92
C GLY C 11 -15.87 -5.91 -23.02
N GLY C 12 -15.83 -6.69 -21.94
CA GLY C 12 -16.88 -6.65 -20.94
C GLY C 12 -18.25 -7.02 -21.48
N ALA C 13 -19.30 -6.62 -20.75
CA ALA C 13 -20.66 -7.02 -21.12
C ALA C 13 -20.98 -6.53 -22.51
N TYR C 14 -20.45 -5.36 -22.86
CA TYR C 14 -20.72 -4.76 -24.17
C TYR C 14 -20.22 -5.65 -25.31
N GLN C 15 -19.00 -6.16 -25.18
CA GLN C 15 -18.44 -6.98 -26.24
C GLN C 15 -19.05 -8.39 -26.24
N ALA C 16 -19.34 -8.92 -25.05
CA ALA C 16 -20.10 -10.16 -24.97
C ALA C 16 -21.45 -10.02 -25.73
N ALA C 17 -22.15 -8.92 -25.49
CA ALA C 17 -23.40 -8.67 -26.19
C ALA C 17 -23.20 -8.64 -27.69
N GLN C 18 -22.17 -7.93 -28.15
CA GLN C 18 -21.90 -7.83 -29.57
C GLN C 18 -21.67 -9.22 -30.16
N THR C 19 -21.05 -10.09 -29.38
CA THR C 19 -20.65 -11.40 -29.86
C THR C 19 -21.90 -12.22 -30.18
N VAL C 20 -22.86 -12.22 -29.25
CA VAL C 20 -24.08 -12.98 -29.45
C VAL C 20 -24.94 -12.40 -30.58
N ALA C 21 -25.07 -11.09 -30.60
CA ALA C 21 -26.02 -10.45 -31.51
C ALA C 21 -25.43 -10.19 -32.89
N ILE C 22 -24.13 -9.91 -32.93
CA ILE C 22 -23.53 -9.43 -34.17
C ILE C 22 -22.38 -10.28 -34.68
N LEU C 23 -21.39 -10.54 -33.83
CA LEU C 23 -20.16 -11.18 -34.29
C LEU C 23 -20.37 -12.65 -34.73
N ASP C 24 -20.97 -13.47 -33.87
CA ASP C 24 -21.20 -14.86 -34.24
C ASP C 24 -22.11 -15.02 -35.47
N PRO C 25 -23.27 -14.34 -35.49
CA PRO C 25 -24.13 -14.47 -36.68
C PRO C 25 -23.44 -14.01 -37.96
N SER C 26 -22.67 -12.92 -37.90
CA SER C 26 -21.96 -12.44 -39.09
C SER C 26 -20.93 -13.45 -39.59
N ALA C 27 -20.18 -14.02 -38.65
CA ALA C 27 -19.17 -15.01 -38.96
C ALA C 27 -19.80 -16.22 -39.65
N LYS C 28 -20.92 -16.69 -39.10
CA LYS C 28 -21.61 -17.82 -39.68
C LYS C 28 -22.17 -17.48 -41.05
N LYS C 29 -22.83 -16.33 -41.15
CA LYS C 29 -23.39 -15.88 -42.42
C LYS C 29 -22.30 -15.71 -43.48
N LEU C 30 -21.20 -15.06 -43.12
CA LEU C 30 -20.13 -14.80 -44.10
C LEU C 30 -19.22 -15.99 -44.34
N GLY C 31 -19.22 -16.95 -43.41
CA GLY C 31 -18.33 -18.10 -43.50
C GLY C 31 -16.89 -17.73 -43.16
N ILE C 32 -16.72 -16.83 -42.20
CA ILE C 32 -15.39 -16.40 -41.81
C ILE C 32 -15.17 -16.57 -40.30
N THR C 33 -13.92 -16.43 -39.90
CA THR C 33 -13.55 -16.47 -38.50
C THR C 33 -13.29 -15.04 -38.04
N ILE C 34 -14.01 -14.62 -37.00
CA ILE C 34 -13.77 -13.29 -36.43
C ILE C 34 -12.98 -13.41 -35.14
N ASN C 35 -11.68 -13.10 -35.21
CA ASN C 35 -10.82 -13.03 -34.04
C ASN C 35 -11.09 -11.75 -33.28
N GLN C 36 -11.16 -11.82 -31.96
CA GLN C 36 -11.46 -10.65 -31.15
C GLN C 36 -10.29 -10.16 -30.31
N ASP C 37 -10.29 -8.85 -30.07
CA ASP C 37 -9.38 -8.25 -29.11
C ASP C 37 -10.19 -7.17 -28.39
N SER C 38 -9.67 -6.67 -27.28
CA SER C 38 -10.35 -5.65 -26.51
C SER C 38 -9.35 -4.64 -25.99
N ILE C 39 -9.77 -3.38 -25.91
CA ILE C 39 -8.94 -2.34 -25.34
C ILE C 39 -9.83 -1.17 -24.88
N PRO C 40 -9.52 -0.57 -23.73
CA PRO C 40 -10.36 0.54 -23.26
C PRO C 40 -10.37 1.72 -24.26
N ASP C 41 -9.20 2.15 -24.72
CA ASP C 41 -9.09 3.28 -25.64
C ASP C 41 -8.16 2.91 -26.81
N ALA C 42 -8.73 2.87 -28.02
CA ALA C 42 -8.02 2.35 -29.19
C ALA C 42 -7.08 3.36 -29.84
N TRP C 43 -7.31 4.64 -29.59
CA TRP C 43 -6.62 5.70 -30.33
C TRP C 43 -5.07 5.59 -30.33
N PRO C 44 -4.45 5.52 -29.15
CA PRO C 44 -2.97 5.42 -29.18
C PRO C 44 -2.49 4.19 -29.95
N ALA C 45 -3.14 3.04 -29.76
CA ALA C 45 -2.76 1.82 -30.47
C ALA C 45 -2.96 1.97 -31.99
N ILE C 46 -4.04 2.60 -32.38
CA ILE C 46 -4.33 2.81 -33.80
C ILE C 46 -3.17 3.58 -34.46
N LYS C 47 -2.73 4.65 -33.81
CA LYS C 47 -1.65 5.45 -34.36
C LYS C 47 -0.42 4.60 -34.56
N THR C 48 -0.10 3.79 -33.56
CA THR C 48 1.09 2.95 -33.62
C THR C 48 0.94 1.87 -34.69
N GLN C 49 -0.17 1.13 -34.64
CA GLN C 49 -0.36 0.02 -35.57
C GLN C 49 -0.32 0.49 -37.01
N VAL C 50 -1.04 1.56 -37.29
CA VAL C 50 -1.15 2.06 -38.66
C VAL C 50 0.18 2.62 -39.13
N GLY C 51 0.85 3.35 -38.24
CA GLY C 51 2.11 3.99 -38.58
C GLY C 51 3.17 2.98 -38.95
N SER C 52 3.09 1.79 -38.36
CA SER C 52 4.05 0.73 -38.64
C SER C 52 3.88 0.21 -40.07
N GLY C 53 2.66 0.30 -40.59
CA GLY C 53 2.39 -0.19 -41.93
C GLY C 53 1.83 -1.61 -41.90
N LYS C 54 1.90 -2.25 -40.73
CA LYS C 54 1.37 -3.59 -40.56
C LYS C 54 0.58 -3.72 -39.27
N PRO C 55 -0.62 -3.11 -39.23
CA PRO C 55 -1.50 -3.25 -38.07
C PRO C 55 -1.93 -4.70 -37.90
N ILE C 56 -2.09 -5.16 -36.66
CA ILE C 56 -2.69 -6.48 -36.42
C ILE C 56 -4.23 -6.41 -36.44
N TRP C 57 -4.78 -5.21 -36.24
CA TRP C 57 -6.25 -5.03 -36.21
C TRP C 57 -6.80 -4.65 -37.57
N ASP C 58 -7.98 -5.17 -37.90
CA ASP C 58 -8.64 -4.82 -39.16
C ASP C 58 -9.71 -3.79 -38.87
N VAL C 59 -10.67 -4.20 -38.04
CA VAL C 59 -11.84 -3.40 -37.77
C VAL C 59 -11.86 -2.97 -36.33
N VAL C 60 -11.98 -1.66 -36.14
CA VAL C 60 -12.05 -1.08 -34.80
C VAL C 60 -13.44 -0.51 -34.51
N ASP C 61 -13.99 -0.84 -33.35
CA ASP C 61 -15.21 -0.23 -32.85
C ASP C 61 -14.82 0.82 -31.82
N THR C 62 -15.05 2.09 -32.13
CA THR C 62 -14.52 3.17 -31.30
C THR C 62 -15.43 4.41 -31.26
N PRO C 63 -15.38 5.20 -30.18
CA PRO C 63 -16.20 6.42 -30.23
C PRO C 63 -15.99 7.19 -31.54
N THR C 64 -17.10 7.65 -32.10
CA THR C 64 -17.12 8.10 -33.48
C THR C 64 -16.09 9.18 -33.83
N GLY C 65 -15.81 10.10 -32.90
CA GLY C 65 -14.86 11.19 -33.13
C GLY C 65 -13.44 10.73 -33.44
N TYR C 66 -13.07 9.55 -32.96
CA TYR C 66 -11.78 8.98 -33.31
C TYR C 66 -11.74 8.53 -34.78
N CYS C 67 -12.86 8.02 -35.28
CA CYS C 67 -12.95 7.64 -36.68
C CYS C 67 -12.73 8.86 -37.57
N LEU C 68 -13.38 9.97 -37.20
CA LEU C 68 -13.23 11.21 -37.93
C LEU C 68 -11.79 11.70 -37.87
N ARG C 69 -11.20 11.70 -36.68
CA ARG C 69 -9.85 12.22 -36.54
C ARG C 69 -8.86 11.34 -37.29
N GLY C 70 -8.97 10.03 -37.08
CA GLY C 70 -8.15 9.08 -37.81
C GLY C 70 -8.34 9.21 -39.31
N GLY C 71 -9.59 9.39 -39.74
CA GLY C 71 -9.88 9.58 -41.15
C GLY C 71 -9.16 10.80 -41.69
N GLU C 72 -9.27 11.91 -40.95
CA GLU C 72 -8.72 13.18 -41.37
C GLU C 72 -7.20 13.15 -41.39
N GLN C 73 -6.60 12.27 -40.60
CA GLN C 73 -5.14 12.18 -40.49
C GLN C 73 -4.56 11.06 -41.33
N GLY C 74 -5.40 10.41 -42.12
CA GLY C 74 -4.94 9.39 -43.06
C GLY C 74 -4.69 8.03 -42.45
N LEU C 75 -5.24 7.78 -41.25
CA LEU C 75 -4.99 6.51 -40.56
C LEU C 75 -6.05 5.45 -40.85
N ILE C 76 -7.17 5.89 -41.41
CA ILE C 76 -8.38 5.08 -41.53
C ILE C 76 -8.85 5.03 -43.00
N GLU C 77 -9.32 3.87 -43.43
CA GLU C 77 -9.77 3.69 -44.82
C GLU C 77 -10.99 4.53 -45.15
N LYS C 78 -10.95 5.24 -46.28
CA LYS C 78 -12.15 5.83 -46.85
C LYS C 78 -13.01 4.68 -47.35
N LEU C 79 -14.22 4.55 -46.80
CA LEU C 79 -15.07 3.41 -47.18
C LEU C 79 -15.73 3.61 -48.54
N ASP C 80 -15.81 2.52 -49.30
CA ASP C 80 -16.56 2.49 -50.56
C ASP C 80 -17.96 1.91 -50.31
N PHE C 81 -18.93 2.78 -50.10
CA PHE C 81 -20.24 2.34 -49.66
C PHE C 81 -21.05 1.52 -50.66
N SER C 82 -20.69 1.62 -51.94
CA SER C 82 -21.36 0.80 -52.95
C SER C 82 -21.03 -0.68 -52.73
N LYS C 83 -20.13 -0.95 -51.80
CA LYS C 83 -19.81 -2.32 -51.43
C LYS C 83 -20.30 -2.65 -50.03
N ILE C 84 -21.04 -1.73 -49.42
CA ILE C 84 -21.61 -1.94 -48.10
C ILE C 84 -23.07 -1.47 -48.08
N PRO C 85 -23.94 -2.15 -48.86
CA PRO C 85 -25.30 -1.65 -49.08
C PRO C 85 -26.12 -1.37 -47.80
N ASN C 86 -25.94 -2.15 -46.74
CA ASN C 86 -26.64 -1.89 -45.48
C ASN C 86 -26.27 -0.54 -44.87
N ALA C 87 -25.01 -0.15 -45.05
CA ALA C 87 -24.53 1.15 -44.60
C ALA C 87 -25.00 2.24 -45.54
N ALA C 88 -24.90 1.98 -46.84
CA ALA C 88 -25.30 2.95 -47.85
C ALA C 88 -26.77 3.31 -47.65
N ALA C 89 -27.57 2.36 -47.17
CA ALA C 89 -28.99 2.60 -46.97
C ALA C 89 -29.31 3.36 -45.68
N PRO C 91 -29.23 6.57 -43.10
CA PRO C 91 -29.20 8.02 -43.36
C PRO C 91 -27.77 8.55 -43.26
N GLU C 92 -27.47 9.60 -44.02
CA GLU C 92 -26.09 10.07 -44.09
C GLU C 92 -25.58 10.61 -42.75
N ALA C 93 -26.49 11.05 -41.89
CA ALA C 93 -26.08 11.52 -40.56
C ALA C 93 -25.50 10.40 -39.71
N TYR C 94 -25.75 9.14 -40.09
CA TYR C 94 -25.28 8.00 -39.30
C TYR C 94 -23.98 7.44 -39.80
N ARG C 95 -23.35 8.12 -40.76
CA ARG C 95 -22.04 7.68 -41.25
C ARG C 95 -21.13 8.83 -41.67
N SER C 96 -19.85 8.51 -41.85
CA SER C 96 -18.85 9.46 -42.34
C SER C 96 -18.14 8.81 -43.53
N PRO C 97 -17.24 9.55 -44.19
CA PRO C 97 -16.50 8.90 -45.28
C PRO C 97 -15.67 7.72 -44.76
N TYR C 98 -15.50 7.64 -43.44
CA TYR C 98 -14.54 6.70 -42.85
C TYR C 98 -15.14 5.67 -41.93
N SER C 99 -16.45 5.78 -41.67
CA SER C 99 -17.08 4.99 -40.61
C SER C 99 -18.60 4.90 -40.74
N VAL C 100 -19.18 3.97 -39.99
CA VAL C 100 -20.62 3.78 -39.92
C VAL C 100 -20.99 3.65 -38.44
N SER C 101 -22.06 4.33 -38.02
CA SER C 101 -22.54 4.24 -36.64
C SER C 101 -22.82 2.78 -36.30
N TYR C 102 -22.47 2.37 -35.09
CA TYR C 102 -22.56 0.98 -34.69
C TYR C 102 -23.54 0.81 -33.54
N GLU C 103 -23.49 1.73 -32.58
CA GLU C 103 -24.43 1.74 -31.47
C GLU C 103 -24.40 3.09 -30.76
N PHE C 104 -25.47 3.37 -30.03
CA PHE C 104 -25.64 4.65 -29.36
C PHE C 104 -25.67 4.41 -27.86
N TYR C 105 -24.97 5.25 -27.11
CA TYR C 105 -25.02 5.17 -25.67
C TYR C 105 -25.15 6.59 -25.12
N SER C 106 -25.60 6.69 -23.88
CA SER C 106 -25.76 8.00 -23.26
C SER C 106 -24.96 8.18 -21.97
N SER C 107 -24.52 9.42 -21.76
CA SER C 107 -24.09 9.85 -20.44
C SER C 107 -25.29 10.54 -19.83
N VAL C 108 -25.70 10.08 -18.66
CA VAL C 108 -26.94 10.52 -18.08
C VAL C 108 -26.79 10.87 -16.61
N LEU C 109 -27.75 11.62 -16.09
CA LEU C 109 -27.81 11.95 -14.67
C LEU C 109 -28.46 10.80 -13.90
N ALA C 110 -27.61 10.01 -13.23
CA ALA C 110 -28.06 8.84 -12.48
C ALA C 110 -28.17 9.20 -11.00
N TYR C 111 -29.11 8.58 -10.30
CA TYR C 111 -29.36 8.93 -8.92
C TYR C 111 -29.86 7.74 -8.10
N SER C 112 -29.76 7.87 -6.78
CA SER C 112 -30.28 6.86 -5.86
C SER C 112 -31.76 7.08 -5.58
N GLN C 113 -32.55 6.01 -5.67
CA GLN C 113 -33.98 6.11 -5.34
C GLN C 113 -34.23 6.09 -3.85
N LYS C 114 -33.25 5.64 -3.06
CA LYS C 114 -33.37 5.72 -1.62
C LYS C 114 -33.30 7.20 -1.23
N THR C 115 -32.26 7.87 -1.71
CA THR C 115 -32.08 9.28 -1.43
C THR C 115 -33.21 10.12 -2.03
N PHE C 116 -33.62 9.80 -3.26
CA PHE C 116 -34.67 10.56 -3.93
C PHE C 116 -35.90 9.72 -4.31
N PRO C 117 -36.69 9.30 -3.31
CA PRO C 117 -37.87 8.49 -3.63
C PRO C 117 -38.92 9.32 -4.41
N LYS C 118 -38.90 10.63 -4.19
CA LYS C 118 -39.70 11.57 -4.97
C LYS C 118 -38.77 12.71 -5.39
N ASP C 119 -39.16 13.46 -6.42
CA ASP C 119 -38.44 14.66 -6.84
C ASP C 119 -36.94 14.46 -7.02
N ALA C 120 -36.55 13.52 -7.86
CA ALA C 120 -35.14 13.31 -8.14
C ALA C 120 -34.62 14.46 -9.01
N PRO C 121 -33.33 14.78 -8.88
CA PRO C 121 -32.76 15.75 -9.83
C PRO C 121 -33.02 15.25 -11.24
N ASN C 122 -33.20 16.19 -12.17
CA ASN C 122 -33.73 15.84 -13.48
C ASN C 122 -33.10 16.66 -14.60
N SER C 123 -32.02 17.36 -14.27
CA SER C 123 -31.27 18.15 -15.24
C SER C 123 -29.93 18.50 -14.64
N TRP C 124 -29.01 19.02 -15.44
CA TRP C 124 -27.72 19.42 -14.92
C TRP C 124 -27.84 20.68 -14.05
N VAL C 125 -28.82 21.52 -14.34
CA VAL C 125 -29.17 22.62 -13.44
C VAL C 125 -29.40 22.09 -12.02
N ASP C 126 -30.17 21.01 -11.92
CA ASP C 126 -30.46 20.39 -10.63
C ASP C 126 -29.22 19.81 -9.97
N PHE C 127 -28.40 19.15 -10.79
CA PHE C 127 -27.20 18.51 -10.31
C PHE C 127 -26.26 19.54 -9.68
N TRP C 128 -26.24 20.73 -10.24
CA TRP C 128 -25.37 21.79 -9.78
C TRP C 128 -25.92 22.52 -8.56
N ASP C 129 -27.18 22.24 -8.22
CA ASP C 129 -27.83 22.94 -7.12
C ASP C 129 -27.76 22.10 -5.85
N VAL C 130 -26.64 22.21 -5.14
CA VAL C 130 -26.40 21.37 -3.97
C VAL C 130 -27.29 21.74 -2.79
N LYS C 131 -27.84 22.95 -2.79
CA LYS C 131 -28.83 23.34 -1.78
C LYS C 131 -30.17 22.66 -2.02
N LYS C 132 -30.68 22.74 -3.25
CA LYS C 132 -32.01 22.24 -3.57
C LYS C 132 -32.02 20.72 -3.70
N PHE C 133 -30.88 20.16 -4.07
CA PHE C 133 -30.75 18.70 -4.20
C PHE C 133 -29.47 18.25 -3.48
N PRO C 134 -29.51 18.17 -2.14
CA PRO C 134 -28.36 17.77 -1.34
C PRO C 134 -27.98 16.31 -1.59
N GLY C 135 -26.69 15.99 -1.48
CA GLY C 135 -26.23 14.64 -1.70
C GLY C 135 -24.80 14.57 -2.23
N ARG C 136 -24.18 13.42 -2.05
CA ARG C 136 -22.84 13.20 -2.57
C ARG C 136 -22.94 13.04 -4.08
N ARG C 137 -21.97 13.63 -4.79
CA ARG C 137 -21.98 13.67 -6.24
C ARG C 137 -20.70 13.12 -6.80
N ALA C 138 -20.77 12.55 -8.00
CA ALA C 138 -19.56 12.22 -8.74
C ALA C 138 -19.71 12.63 -10.19
N LEU C 139 -18.58 12.90 -10.83
CA LEU C 139 -18.53 13.10 -12.26
C LEU C 139 -17.36 12.29 -12.82
N ARG C 140 -17.30 12.19 -14.15
CA ARG C 140 -16.22 11.44 -14.75
C ARG C 140 -14.94 12.27 -14.84
N ASN C 141 -13.81 11.66 -14.52
CA ASN C 141 -12.53 12.34 -14.71
C ASN C 141 -12.16 12.37 -16.19
N HIS C 142 -12.93 13.15 -16.96
CA HIS C 142 -12.70 13.28 -18.40
C HIS C 142 -13.59 14.40 -18.91
N PRO C 143 -13.10 15.17 -19.90
CA PRO C 143 -13.90 16.32 -20.34
C PRO C 143 -15.06 15.96 -21.29
N ILE C 144 -15.00 14.78 -21.93
CA ILE C 144 -16.06 14.37 -22.85
C ILE C 144 -17.40 14.26 -22.11
N ALA C 145 -18.42 14.95 -22.61
CA ALA C 145 -19.78 14.99 -22.02
C ALA C 145 -19.84 15.85 -20.75
N THR C 146 -18.77 15.81 -19.97
CA THR C 146 -18.68 16.61 -18.74
C THR C 146 -18.81 18.10 -19.04
N LEU C 147 -18.11 18.58 -20.07
CA LEU C 147 -18.19 19.99 -20.47
C LEU C 147 -19.62 20.35 -20.89
N GLU C 148 -20.22 19.48 -21.71
CA GLU C 148 -21.60 19.67 -22.14
C GLU C 148 -22.53 19.81 -20.94
N ALA C 149 -22.35 18.91 -19.96
CA ALA C 149 -23.18 18.95 -18.75
C ALA C 149 -23.02 20.26 -17.99
N ALA C 150 -21.78 20.73 -17.87
CA ALA C 150 -21.50 21.99 -17.20
C ALA C 150 -22.19 23.16 -17.89
N LEU C 151 -22.18 23.15 -19.21
CA LEU C 151 -22.77 24.26 -19.97
C LEU C 151 -24.30 24.26 -19.86
N ALA C 153 -25.83 23.06 -17.33
CA ALA C 153 -26.03 23.45 -15.94
C ALA C 153 -26.03 24.96 -15.85
N ASP C 154 -25.32 25.60 -16.78
CA ASP C 154 -25.29 27.05 -16.78
C ASP C 154 -26.36 27.64 -17.69
N GLY C 155 -27.36 26.83 -18.06
CA GLY C 155 -28.52 27.34 -18.78
C GLY C 155 -28.52 27.22 -20.30
N VAL C 156 -27.45 26.68 -20.87
CA VAL C 156 -27.38 26.46 -22.32
C VAL C 156 -28.35 25.35 -22.74
N ALA C 157 -29.18 25.63 -23.75
CA ALA C 157 -30.10 24.64 -24.29
C ALA C 157 -29.33 23.50 -24.93
N PRO C 158 -29.84 22.26 -24.80
CA PRO C 158 -29.17 21.06 -25.31
C PRO C 158 -28.83 21.16 -26.79
N ASP C 159 -29.66 21.89 -27.54
CA ASP C 159 -29.45 22.02 -28.98
C ASP C 159 -28.62 23.26 -29.36
N LYS C 160 -28.12 24.00 -28.39
CA LYS C 160 -27.29 25.16 -28.73
C LYS C 160 -25.92 25.15 -28.07
N LEU C 161 -25.37 23.95 -27.88
CA LEU C 161 -24.12 23.79 -27.17
C LEU C 161 -22.90 24.13 -28.01
N TYR C 162 -22.92 23.77 -29.30
CA TYR C 162 -21.69 23.82 -30.09
C TYR C 162 -21.62 25.06 -30.96
N PRO C 163 -20.42 25.62 -31.14
CA PRO C 163 -19.13 25.17 -30.57
C PRO C 163 -19.04 25.47 -29.07
N LEU C 164 -18.57 24.51 -28.28
CA LEU C 164 -18.57 24.67 -26.83
C LEU C 164 -17.84 25.94 -26.38
N ASP C 165 -18.45 26.66 -25.45
CA ASP C 165 -17.77 27.76 -24.79
C ASP C 165 -16.98 27.15 -23.62
N VAL C 166 -15.75 26.73 -23.92
CA VAL C 166 -14.95 25.93 -23.00
C VAL C 166 -14.56 26.73 -21.75
N ASP C 167 -14.24 28.02 -21.89
CA ASP C 167 -14.01 28.85 -20.71
C ASP C 167 -15.20 28.78 -19.76
N ARG C 168 -16.38 29.01 -20.32
CA ARG C 168 -17.61 29.01 -19.54
C ARG C 168 -17.79 27.66 -18.84
N ALA C 169 -17.50 26.57 -19.55
CA ALA C 169 -17.71 25.23 -19.02
C ALA C 169 -16.82 24.97 -17.81
N PHE C 170 -15.54 25.30 -17.94
CA PHE C 170 -14.58 25.13 -16.86
C PHE C 170 -14.88 25.95 -15.61
N LYS C 171 -15.33 27.19 -15.80
CA LYS C 171 -15.75 27.99 -14.67
C LYS C 171 -16.86 27.28 -13.87
N LYS C 172 -17.84 26.71 -14.59
CA LYS C 172 -18.95 25.99 -13.92
C LYS C 172 -18.43 24.75 -13.17
N LEU C 173 -17.56 24.00 -13.81
CA LEU C 173 -16.94 22.85 -13.17
C LEU C 173 -16.14 23.22 -11.93
N GLU C 174 -15.44 24.34 -11.98
CA GLU C 174 -14.71 24.81 -10.80
C GLU C 174 -15.68 25.13 -9.66
N GLU C 175 -16.86 25.64 -10.00
CA GLU C 175 -17.86 25.95 -8.98
C GLU C 175 -18.35 24.71 -8.24
N ILE C 176 -18.50 23.60 -8.97
CA ILE C 176 -19.08 22.40 -8.38
C ILE C 176 -18.01 21.51 -7.74
N LYS C 177 -16.76 21.77 -8.08
CA LYS C 177 -15.64 20.92 -7.66
C LYS C 177 -15.59 20.60 -6.16
N PRO C 178 -15.75 21.62 -5.29
CA PRO C 178 -15.68 21.29 -3.87
C PRO C 178 -16.85 20.41 -3.39
N HIS C 179 -17.83 20.16 -4.26
CA HIS C 179 -18.96 19.32 -3.89
C HIS C 179 -18.94 18.00 -4.66
N ILE C 180 -17.80 17.71 -5.27
CA ILE C 180 -17.64 16.44 -5.97
C ILE C 180 -16.83 15.46 -5.13
N THR C 181 -17.48 14.39 -4.71
CA THR C 181 -16.87 13.38 -3.84
C THR C 181 -15.72 12.64 -4.55
N VAL C 182 -15.97 12.21 -5.78
CA VAL C 182 -14.95 11.52 -6.57
C VAL C 182 -15.16 11.73 -8.06
N TRP C 183 -14.06 11.77 -8.81
CA TRP C 183 -14.11 11.82 -10.26
C TRP C 183 -13.77 10.42 -10.76
N TRP C 184 -14.77 9.68 -11.23
CA TRP C 184 -14.55 8.27 -11.57
C TRP C 184 -13.75 8.07 -12.85
N THR C 185 -12.97 6.99 -12.88
CA THR C 185 -12.13 6.66 -14.03
C THR C 185 -12.63 5.47 -14.86
N SER C 186 -13.46 4.61 -14.27
CA SER C 186 -14.00 3.48 -15.03
C SER C 186 -15.51 3.27 -14.86
N GLY C 187 -16.12 2.63 -15.85
CA GLY C 187 -17.51 2.29 -15.80
C GLY C 187 -17.83 1.46 -14.56
N ALA C 188 -17.04 0.42 -14.32
CA ALA C 188 -17.25 -0.44 -13.15
C ALA C 188 -17.22 0.37 -11.86
N GLN C 189 -16.31 1.34 -11.79
CA GLN C 189 -16.23 2.20 -10.60
C GLN C 189 -17.50 3.04 -10.45
N SER C 190 -17.98 3.62 -11.56
CA SER C 190 -19.18 4.43 -11.51
C SER C 190 -20.38 3.61 -11.05
N ALA C 191 -20.44 2.34 -11.44
CA ALA C 191 -21.54 1.47 -11.01
C ALA C 191 -21.42 1.14 -9.52
N GLN C 192 -20.20 0.86 -9.06
CA GLN C 192 -19.95 0.54 -7.66
C GLN C 192 -20.32 1.71 -6.75
N LEU C 193 -20.05 2.94 -7.19
CA LEU C 193 -20.36 4.15 -6.40
C LEU C 193 -21.86 4.31 -6.12
N LEU C 194 -22.67 3.98 -7.12
CA LEU C 194 -24.13 4.01 -6.96
C LEU C 194 -24.58 2.84 -6.08
N ASN C 195 -24.02 1.67 -6.34
CA ASN C 195 -24.42 0.45 -5.65
C ASN C 195 -24.15 0.46 -4.15
N ASP C 196 -23.05 1.09 -3.73
CA ASP C 196 -22.70 1.09 -2.31
C ASP C 196 -23.12 2.38 -1.61
N GLY C 197 -23.69 3.32 -2.36
CA GLY C 197 -24.22 4.53 -1.77
C GLY C 197 -23.18 5.62 -1.51
N GLU C 198 -21.98 5.43 -2.03
CA GLU C 198 -20.93 6.45 -1.85
C GLU C 198 -21.41 7.79 -2.42
N VAL C 199 -22.13 7.75 -3.53
CA VAL C 199 -22.72 8.96 -4.08
C VAL C 199 -24.23 8.82 -4.19
N ASP C 200 -24.93 9.94 -4.14
CA ASP C 200 -26.38 9.94 -4.28
C ASP C 200 -26.79 10.27 -5.71
N GLU C 202 -24.76 11.08 -9.92
CA GLU C 202 -23.54 11.17 -10.71
C GLU C 202 -23.91 11.11 -12.19
N ALA C 204 -23.20 9.04 -15.38
CA ALA C 204 -22.73 7.70 -15.69
C ALA C 204 -23.28 7.24 -17.03
N TRP C 205 -22.60 6.28 -17.67
CA TRP C 205 -23.14 5.70 -18.89
C TRP C 205 -24.40 4.91 -18.55
N ASN C 206 -25.40 5.03 -19.40
CA ASN C 206 -26.72 4.50 -19.08
C ASN C 206 -26.70 2.98 -18.91
N GLY C 207 -25.82 2.30 -19.64
CA GLY C 207 -25.73 0.85 -19.58
C GLY C 207 -25.20 0.35 -18.23
N ARG C 208 -24.27 1.10 -17.65
CA ARG C 208 -23.80 0.81 -16.29
C ARG C 208 -24.89 0.97 -15.24
N VAL C 209 -25.67 2.04 -15.37
CA VAL C 209 -26.71 2.30 -14.39
C VAL C 209 -27.75 1.19 -14.46
N SER C 210 -28.23 0.91 -15.67
CA SER C 210 -29.32 -0.06 -15.81
C SER C 210 -28.83 -1.46 -15.42
N ALA C 211 -27.56 -1.77 -15.71
CA ALA C 211 -27.01 -3.06 -15.29
C ALA C 211 -27.01 -3.20 -13.77
N VAL C 212 -26.59 -2.16 -13.06
CA VAL C 212 -26.51 -2.27 -11.61
C VAL C 212 -27.92 -2.23 -10.98
N ALA C 213 -28.86 -1.56 -11.66
CA ALA C 213 -30.23 -1.55 -11.19
C ALA C 213 -30.84 -2.92 -11.40
N LYS C 214 -30.48 -3.56 -12.52
CA LYS C 214 -30.94 -4.92 -12.79
C LYS C 214 -30.41 -5.87 -11.74
N GLU C 215 -29.22 -5.59 -11.23
CA GLU C 215 -28.62 -6.46 -10.22
C GLU C 215 -29.35 -6.34 -8.89
N GLY C 216 -30.02 -5.21 -8.67
CA GLY C 216 -30.81 -5.04 -7.47
C GLY C 216 -30.72 -3.67 -6.82
N ALA C 217 -29.75 -2.87 -7.25
CA ALA C 217 -29.56 -1.54 -6.70
C ALA C 217 -30.78 -0.64 -6.91
N LYS C 218 -31.21 0.02 -5.83
CA LYS C 218 -32.27 1.02 -5.90
C LYS C 218 -31.76 2.32 -6.53
N VAL C 219 -31.42 2.27 -7.81
CA VAL C 219 -31.01 3.48 -8.50
C VAL C 219 -31.73 3.60 -9.83
N SER C 220 -31.60 4.77 -10.43
CA SER C 220 -32.25 5.02 -11.71
C SER C 220 -31.58 6.21 -12.36
N PHE C 221 -32.11 6.62 -13.50
CA PHE C 221 -31.56 7.75 -14.23
C PHE C 221 -32.62 8.36 -15.13
N THR C 222 -32.33 9.54 -15.65
CA THR C 222 -33.20 10.21 -16.58
C THR C 222 -32.43 10.48 -17.86
N TYR C 223 -33.12 10.36 -19.00
CA TYR C 223 -32.57 10.77 -20.28
C TYR C 223 -32.62 12.28 -20.46
N ASN C 224 -33.40 12.97 -19.65
CA ASN C 224 -33.47 14.43 -19.75
C ASN C 224 -32.06 15.06 -19.67
N GLN C 225 -31.71 15.85 -20.70
CA GLN C 225 -30.37 16.47 -20.82
C GLN C 225 -29.19 15.50 -20.86
N GLY C 226 -29.49 14.21 -21.04
CA GLY C 226 -28.46 13.24 -21.32
C GLY C 226 -27.61 13.67 -22.52
N ILE C 227 -26.41 13.12 -22.59
CA ILE C 227 -25.54 13.36 -23.74
C ILE C 227 -25.50 12.09 -24.61
N LEU C 228 -26.08 12.19 -25.80
CA LEU C 228 -26.29 11.03 -26.67
C LEU C 228 -25.05 10.86 -27.54
N GLN C 229 -24.45 9.69 -27.47
CA GLN C 229 -23.17 9.44 -28.13
C GLN C 229 -23.24 8.14 -28.92
N SER C 230 -22.17 7.84 -29.67
CA SER C 230 -22.11 6.61 -30.44
C SER C 230 -20.68 6.12 -30.60
N THR C 231 -20.52 4.83 -30.83
CA THR C 231 -19.29 4.34 -31.42
C THR C 231 -19.56 3.98 -32.88
N SER C 232 -18.50 3.93 -33.68
CA SER C 232 -18.61 3.59 -35.10
C SER C 232 -17.59 2.53 -35.47
N LEU C 233 -17.88 1.75 -36.51
CA LEU C 233 -16.90 0.84 -37.08
C LEU C 233 -16.06 1.54 -38.14
N CYS C 234 -14.76 1.25 -38.14
CA CYS C 234 -13.87 1.72 -39.19
C CYS C 234 -12.81 0.66 -39.46
N ILE C 235 -12.10 0.84 -40.56
CA ILE C 235 -11.04 -0.10 -40.95
C ILE C 235 -9.71 0.61 -40.99
N LEU C 236 -8.70 0.05 -40.34
CA LEU C 236 -7.36 0.63 -40.30
C LEU C 236 -6.69 0.62 -41.66
N LYS C 237 -5.99 1.70 -41.99
CA LYS C 237 -5.16 1.69 -43.20
C LYS C 237 -4.11 0.61 -43.04
N GLY C 238 -3.94 -0.20 -44.07
CA GLY C 238 -2.96 -1.27 -44.03
C GLY C 238 -3.51 -2.53 -43.38
N ALA C 239 -4.79 -2.54 -43.05
CA ALA C 239 -5.43 -3.72 -42.52
C ALA C 239 -5.05 -4.95 -43.35
N PRO C 240 -4.65 -6.04 -42.68
CA PRO C 240 -4.18 -7.23 -43.39
C PRO C 240 -5.29 -8.01 -44.09
N ASN C 241 -6.55 -7.74 -43.76
CA ASN C 241 -7.68 -8.42 -44.41
C ASN C 241 -8.77 -7.45 -44.86
N LEU C 242 -8.37 -6.42 -45.60
CA LEU C 242 -9.28 -5.36 -46.04
C LEU C 242 -10.57 -5.88 -46.68
N GLU C 243 -10.46 -6.75 -47.69
CA GLU C 243 -11.65 -7.24 -48.38
C GLU C 243 -12.63 -7.92 -47.43
N THR C 244 -12.13 -8.80 -46.57
CA THR C 244 -13.01 -9.49 -45.64
C THR C 244 -13.58 -8.50 -44.60
N ALA C 245 -12.77 -7.51 -44.22
CA ALA C 245 -13.24 -6.49 -43.28
C ALA C 245 -14.42 -5.74 -43.86
N VAL C 246 -14.31 -5.39 -45.13
CA VAL C 246 -15.37 -4.67 -45.79
C VAL C 246 -16.66 -5.51 -45.82
N LYS C 247 -16.56 -6.80 -46.12
CA LYS C 247 -17.71 -7.69 -46.09
C LYS C 247 -18.33 -7.73 -44.70
N PHE C 248 -17.49 -7.82 -43.69
CA PHE C 248 -18.00 -7.82 -42.33
C PHE C 248 -18.76 -6.56 -41.96
N LEU C 249 -18.27 -5.40 -42.39
CA LEU C 249 -18.93 -4.14 -42.06
C LEU C 249 -20.37 -4.16 -42.50
N ASN C 250 -20.61 -4.78 -43.65
CA ASN C 250 -21.96 -4.82 -44.17
C ASN C 250 -22.88 -5.67 -43.31
N GLU C 251 -22.37 -6.78 -42.78
CA GLU C 251 -23.17 -7.64 -41.92
C GLU C 251 -23.31 -7.03 -40.53
N ALA C 252 -22.31 -6.27 -40.10
CA ALA C 252 -22.33 -5.73 -38.75
C ALA C 252 -23.43 -4.69 -38.56
N VAL C 253 -23.86 -4.06 -39.64
CA VAL C 253 -24.94 -3.07 -39.57
C VAL C 253 -26.23 -3.57 -40.23
N ASP C 254 -26.31 -4.87 -40.41
CA ASP C 254 -27.53 -5.53 -40.84
C ASP C 254 -28.65 -5.26 -39.81
N PRO C 255 -29.83 -4.86 -40.29
CA PRO C 255 -30.93 -4.47 -39.38
C PRO C 255 -31.23 -5.53 -38.31
N VAL C 256 -31.43 -6.79 -38.71
CA VAL C 256 -31.69 -7.86 -37.73
C VAL C 256 -30.54 -8.07 -36.71
N HIS C 257 -29.29 -8.05 -37.15
CA HIS C 257 -28.15 -8.23 -36.23
C HIS C 257 -28.11 -7.06 -35.26
N GLN C 258 -28.21 -5.87 -35.82
CA GLN C 258 -28.26 -4.65 -35.05
C GLN C 258 -29.37 -4.73 -34.01
N ALA C 259 -30.54 -5.21 -34.42
CA ALA C 259 -31.70 -5.25 -33.53
C ALA C 259 -31.51 -6.20 -32.36
N ASN C 260 -30.74 -7.26 -32.55
CA ASN C 260 -30.48 -8.18 -31.44
C ASN C 260 -29.56 -7.62 -30.36
N LEU C 261 -28.85 -6.55 -30.67
CA LEU C 261 -27.91 -5.98 -29.69
C LEU C 261 -28.63 -5.50 -28.41
N PRO C 262 -29.67 -4.65 -28.56
CA PRO C 262 -30.44 -4.18 -27.40
C PRO C 262 -31.06 -5.31 -26.58
N LEU C 263 -31.08 -6.53 -27.10
CA LEU C 263 -31.65 -7.66 -26.37
C LEU C 263 -30.69 -8.13 -25.29
N HIS C 264 -29.45 -7.70 -25.38
CA HIS C 264 -28.40 -8.17 -24.47
C HIS C 264 -27.70 -7.06 -23.72
N ILE C 265 -27.96 -5.83 -24.12
CA ILE C 265 -27.39 -4.67 -23.46
C ILE C 265 -28.18 -3.40 -23.80
N ASP C 266 -28.19 -2.46 -22.86
CA ASP C 266 -29.07 -1.30 -22.91
C ASP C 266 -28.53 -0.19 -23.82
N TYR C 267 -28.00 -0.57 -24.99
CA TYR C 267 -27.55 0.42 -25.98
C TYR C 267 -28.38 0.34 -27.27
N GLY C 268 -28.61 1.47 -27.90
CA GLY C 268 -29.42 1.52 -29.10
C GLY C 268 -28.63 1.10 -30.34
N PRO C 269 -29.34 0.58 -31.34
CA PRO C 269 -28.72 0.16 -32.61
C PRO C 269 -28.16 1.34 -33.39
N GLY C 270 -26.97 1.17 -34.00
CA GLY C 270 -26.47 2.16 -34.92
C GLY C 270 -27.41 2.35 -36.10
N ASN C 271 -28.03 1.25 -36.54
CA ASN C 271 -28.93 1.28 -37.71
C ASN C 271 -30.38 1.48 -37.30
N PRO C 272 -30.99 2.63 -37.65
CA PRO C 272 -32.38 2.91 -37.25
C PRO C 272 -33.39 1.90 -37.80
N LYS C 273 -33.04 1.22 -38.88
CA LYS C 273 -33.90 0.20 -39.46
C LYS C 273 -34.08 -0.98 -38.51
N ALA C 274 -33.24 -1.07 -37.48
CA ALA C 274 -33.35 -2.12 -36.47
C ALA C 274 -34.74 -2.13 -35.82
N PHE C 275 -35.32 -0.95 -35.63
CA PHE C 275 -36.58 -0.87 -34.91
C PHE C 275 -37.74 -1.47 -35.68
N GLU C 276 -37.59 -1.64 -36.99
CA GLU C 276 -38.70 -2.17 -37.78
CA GLU C 276 -38.66 -2.16 -37.83
C GLU C 276 -38.57 -3.67 -38.03
N THR C 277 -37.57 -4.29 -37.40
CA THR C 277 -37.39 -5.74 -37.58
C THR C 277 -38.38 -6.54 -36.71
N ASN C 278 -39.05 -5.85 -35.80
CA ASN C 278 -39.94 -6.49 -34.83
C ASN C 278 -39.18 -7.44 -33.90
N VAL C 279 -37.90 -7.16 -33.68
CA VAL C 279 -37.09 -8.01 -32.80
C VAL C 279 -37.13 -7.53 -31.36
N ILE C 280 -37.15 -6.22 -31.19
CA ILE C 280 -37.17 -5.58 -29.87
C ILE C 280 -38.61 -5.39 -29.37
N LYS C 281 -38.87 -5.77 -28.12
CA LYS C 281 -40.20 -5.56 -27.53
C LYS C 281 -40.45 -4.04 -27.35
N PRO C 282 -41.71 -3.60 -27.54
CA PRO C 282 -41.98 -2.16 -27.38
C PRO C 282 -41.40 -1.62 -26.07
N GLU C 283 -41.55 -2.38 -24.99
CA GLU C 283 -41.14 -1.89 -23.67
C GLU C 283 -39.63 -1.70 -23.64
N ARG C 284 -38.92 -2.62 -24.27
CA ARG C 284 -37.47 -2.59 -24.28
C ARG C 284 -37.02 -1.42 -25.16
N ALA C 285 -37.68 -1.22 -26.30
CA ALA C 285 -37.34 -0.13 -27.22
C ALA C 285 -37.38 1.21 -26.52
N ALA C 286 -38.42 1.42 -25.71
CA ALA C 286 -38.60 2.68 -25.00
C ALA C 286 -37.53 3.00 -23.95
N GLN C 287 -36.67 2.03 -23.62
CA GLN C 287 -35.55 2.25 -22.67
C GLN C 287 -34.21 2.56 -23.35
N LEU C 288 -34.19 2.62 -24.68
CA LEU C 288 -32.93 2.76 -25.38
C LEU C 288 -32.54 4.22 -25.60
N PRO C 289 -31.24 4.51 -25.52
CA PRO C 289 -30.69 5.86 -25.66
C PRO C 289 -31.10 6.53 -26.98
N SER C 290 -31.17 5.75 -28.05
CA SER C 290 -31.40 6.31 -29.39
C SER C 290 -32.85 6.18 -29.88
N GLU C 291 -33.76 5.76 -28.99
CA GLU C 291 -35.16 5.73 -29.36
C GLU C 291 -35.62 7.18 -29.52
N PRO C 292 -36.33 7.48 -30.62
CA PRO C 292 -36.60 8.88 -30.98
C PRO C 292 -37.09 9.72 -29.81
N ALA C 293 -37.96 9.17 -28.99
CA ALA C 293 -38.53 9.95 -27.91
C ALA C 293 -37.49 10.24 -26.82
N ASN C 294 -36.60 9.28 -26.56
CA ASN C 294 -35.50 9.50 -25.61
C ASN C 294 -34.42 10.39 -26.21
N ALA C 295 -34.15 10.24 -27.50
CA ALA C 295 -33.10 11.03 -28.14
C ALA C 295 -33.42 12.51 -28.12
N ALA C 296 -34.71 12.84 -28.20
CA ALA C 296 -35.13 14.23 -28.28
C ALA C 296 -35.00 14.97 -26.94
N LYS C 297 -34.76 14.22 -25.87
CA LYS C 297 -34.55 14.83 -24.55
C LYS C 297 -33.08 15.15 -24.36
N GLN C 298 -32.25 14.72 -25.30
CA GLN C 298 -30.80 14.75 -25.10
C GLN C 298 -30.04 15.71 -26.01
N ALA C 299 -28.84 16.08 -25.58
CA ALA C 299 -27.91 16.79 -26.44
C ALA C 299 -27.15 15.77 -27.28
N LEU C 300 -27.19 15.94 -28.60
CA LEU C 300 -26.48 15.05 -29.50
C LEU C 300 -25.03 15.49 -29.55
N SER C 302 -21.47 16.42 -30.62
CA SER C 302 -20.86 16.76 -31.91
C SER C 302 -19.45 16.23 -32.03
N TYR C 303 -19.30 15.18 -32.82
CA TYR C 303 -18.00 14.60 -33.06
C TYR C 303 -17.17 15.47 -34.00
N ALA C 304 -17.84 16.31 -34.79
CA ALA C 304 -17.11 17.30 -35.58
C ALA C 304 -16.38 18.25 -34.62
N TRP C 305 -17.04 18.64 -33.54
CA TRP C 305 -16.38 19.53 -32.59
C TRP C 305 -15.26 18.80 -31.83
N TRP C 306 -15.55 17.62 -31.29
CA TRP C 306 -14.56 16.92 -30.47
C TRP C 306 -13.32 16.45 -31.24
N SER C 307 -13.49 16.15 -32.53
CA SER C 307 -12.39 15.69 -33.34
C SER C 307 -11.54 16.85 -33.86
N SER C 308 -12.02 18.08 -33.70
CA SER C 308 -11.28 19.24 -34.19
C SER C 308 -10.19 19.64 -33.18
N PRO C 309 -9.37 20.63 -33.54
CA PRO C 309 -8.37 21.18 -32.61
C PRO C 309 -8.98 21.77 -31.33
N ALA C 310 -10.20 22.25 -31.36
CA ALA C 310 -10.85 22.74 -30.14
C ALA C 310 -11.04 21.57 -29.16
N GLY C 311 -11.40 20.41 -29.69
CA GLY C 311 -11.55 19.23 -28.86
C GLY C 311 -10.24 18.91 -28.16
N GLU C 312 -9.16 18.86 -28.93
CA GLU C 312 -7.85 18.54 -28.40
C GLU C 312 -7.43 19.54 -27.32
N ALA C 313 -7.66 20.82 -27.59
CA ALA C 313 -7.29 21.87 -26.66
C ALA C 313 -8.05 21.69 -25.35
N ALA C 314 -9.32 21.30 -25.44
CA ALA C 314 -10.12 21.08 -24.25
C ALA C 314 -9.58 19.89 -23.44
N GLU C 315 -9.14 18.83 -24.13
CA GLU C 315 -8.56 17.67 -23.46
C GLU C 315 -7.32 18.09 -22.68
N LYS C 316 -6.48 18.91 -23.31
CA LYS C 316 -5.22 19.36 -22.71
C LYS C 316 -5.44 20.27 -21.49
N ARG C 317 -6.59 20.95 -21.47
CA ARG C 317 -6.93 21.79 -20.33
C ARG C 317 -7.38 20.95 -19.15
N TRP C 318 -7.89 19.75 -19.45
CA TRP C 318 -8.47 18.92 -18.40
C TRP C 318 -7.44 18.57 -17.34
N ALA C 319 -6.22 18.26 -17.76
CA ALA C 319 -5.16 17.93 -16.82
C ALA C 319 -4.93 19.10 -15.88
N SER C 320 -4.86 20.30 -16.44
CA SER C 320 -4.69 21.50 -15.63
C SER C 320 -5.84 21.64 -14.63
N PHE C 321 -7.06 21.39 -15.09
CA PHE C 321 -8.23 21.47 -14.22
C PHE C 321 -8.18 20.46 -13.07
N GLN C 323 -5.24 18.52 -11.91
CA GLN C 323 -4.07 18.66 -11.04
C GLN C 323 -4.28 19.80 -10.04
N LYS C 324 -5.28 20.64 -10.32
CA LYS C 324 -5.67 21.72 -9.43
C LYS C 324 -6.15 21.15 -8.09
N ASN D 2 9.65 10.52 48.08
CA ASN D 2 8.49 10.90 47.28
C ASN D 2 8.81 11.87 46.14
N ALA D 3 9.98 12.49 46.19
CA ALA D 3 10.38 13.43 45.15
C ALA D 3 10.44 12.74 43.79
N GLN D 4 10.30 13.51 42.72
CA GLN D 4 10.02 12.96 41.41
C GLN D 4 10.57 13.82 40.28
N ILE D 5 11.05 13.18 39.21
CA ILE D 5 11.31 13.89 37.95
C ILE D 5 10.85 13.10 36.73
N THR D 6 10.71 13.81 35.62
CA THR D 6 10.50 13.14 34.35
C THR D 6 11.75 13.35 33.52
N PHE D 7 12.30 12.23 33.06
CA PHE D 7 13.55 12.21 32.29
C PHE D 7 13.24 11.65 30.91
N VAL D 8 13.72 12.33 29.88
CA VAL D 8 13.42 11.91 28.51
CA VAL D 8 13.43 11.91 28.51
C VAL D 8 14.69 11.66 27.68
N SER D 9 14.73 10.54 26.98
CA SER D 9 15.86 10.25 26.09
C SER D 9 15.32 9.65 24.78
N GLN D 10 16.17 8.95 24.03
CA GLN D 10 15.78 8.42 22.72
C GLN D 10 15.30 6.96 22.70
N GLY D 11 15.03 6.39 23.87
CA GLY D 11 14.54 5.02 23.96
C GLY D 11 15.50 3.96 23.44
N GLY D 12 14.95 2.79 23.13
CA GLY D 12 15.72 1.70 22.57
C GLY D 12 16.71 1.07 23.54
N ALA D 13 17.71 0.38 22.98
CA ALA D 13 18.76 -0.25 23.76
C ALA D 13 19.49 0.81 24.56
N TYR D 14 19.61 1.98 23.96
CA TYR D 14 20.29 3.12 24.59
C TYR D 14 19.64 3.50 25.93
N GLN D 15 18.32 3.64 25.93
CA GLN D 15 17.63 4.05 27.15
C GLN D 15 17.59 2.91 28.18
N ALA D 16 17.48 1.67 27.70
CA ALA D 16 17.52 0.54 28.62
C ALA D 16 18.90 0.51 29.29
N ALA D 17 19.95 0.77 28.51
CA ALA D 17 21.30 0.77 29.05
C ALA D 17 21.45 1.89 30.10
N GLN D 18 20.89 3.06 29.79
CA GLN D 18 20.93 4.17 30.75
C GLN D 18 20.23 3.78 32.04
N THR D 19 19.14 3.02 31.92
CA THR D 19 18.31 2.72 33.07
C THR D 19 19.10 1.89 34.08
N VAL D 20 19.81 0.89 33.57
CA VAL D 20 20.61 -0.01 34.41
C VAL D 20 21.81 0.70 35.04
N ALA D 21 22.46 1.55 34.27
CA ALA D 21 23.77 2.09 34.70
C ALA D 21 23.60 3.40 35.45
N ILE D 22 22.56 4.15 35.10
CA ILE D 22 22.45 5.52 35.54
C ILE D 22 21.14 5.88 36.24
N LEU D 23 20.02 5.62 35.59
CA LEU D 23 18.74 6.03 36.15
C LEU D 23 18.42 5.28 37.44
N ASP D 24 18.44 3.95 37.41
CA ASP D 24 18.10 3.20 38.60
C ASP D 24 19.04 3.40 39.79
N PRO D 25 20.36 3.37 39.55
CA PRO D 25 21.26 3.65 40.69
C PRO D 25 21.11 5.09 41.20
N SER D 26 20.78 6.03 40.32
CA SER D 26 20.60 7.42 40.75
C SER D 26 19.32 7.58 41.56
N ALA D 27 18.24 6.93 41.11
CA ALA D 27 16.96 7.02 41.79
C ALA D 27 17.12 6.42 43.18
N LYS D 28 17.80 5.28 43.23
CA LYS D 28 17.99 4.60 44.50
C LYS D 28 18.86 5.42 45.46
N LYS D 29 19.89 6.08 44.93
CA LYS D 29 20.81 6.85 45.78
C LYS D 29 20.17 8.14 46.31
N LEU D 30 19.42 8.83 45.45
CA LEU D 30 18.72 10.05 45.86
C LEU D 30 17.40 9.78 46.60
N GLY D 31 16.89 8.55 46.51
CA GLY D 31 15.59 8.24 47.08
C GLY D 31 14.44 8.93 46.34
N ILE D 32 14.53 9.00 45.01
CA ILE D 32 13.50 9.63 44.19
C ILE D 32 12.94 8.67 43.16
N THR D 33 11.84 9.08 42.54
CA THR D 33 11.26 8.34 41.44
C THR D 33 11.56 9.06 40.12
N ILE D 34 12.14 8.33 39.17
CA ILE D 34 12.46 8.92 37.88
C ILE D 34 11.49 8.38 36.84
N ASN D 35 10.51 9.19 36.46
CA ASN D 35 9.57 8.80 35.42
C ASN D 35 10.25 9.01 34.07
N GLN D 36 10.08 8.06 33.16
CA GLN D 36 10.78 8.12 31.89
C GLN D 36 9.85 8.43 30.73
N ASP D 37 10.39 9.12 29.73
CA ASP D 37 9.73 9.25 28.43
C ASP D 37 10.80 9.09 27.36
N SER D 38 10.36 8.98 26.11
CA SER D 38 11.25 8.76 24.97
C SER D 38 10.70 9.52 23.79
N ILE D 39 11.59 10.11 23.01
CA ILE D 39 11.21 10.78 21.78
C ILE D 39 12.42 10.73 20.85
N PRO D 40 12.20 10.51 19.55
CA PRO D 40 13.33 10.43 18.63
C PRO D 40 14.10 11.75 18.56
N ASP D 41 13.36 12.86 18.49
CA ASP D 41 13.96 14.19 18.40
C ASP D 41 13.16 15.17 19.28
N ALA D 42 13.78 15.61 20.36
CA ALA D 42 13.10 16.37 21.40
C ALA D 42 12.84 17.85 21.07
N TRP D 43 13.53 18.38 20.07
CA TRP D 43 13.53 19.84 19.88
C TRP D 43 12.14 20.50 19.72
N PRO D 44 11.34 20.04 18.75
CA PRO D 44 10.03 20.69 18.59
C PRO D 44 9.16 20.61 19.86
N ALA D 45 9.21 19.49 20.56
CA ALA D 45 8.45 19.32 21.79
C ALA D 45 8.98 20.22 22.90
N ILE D 46 10.30 20.38 22.96
CA ILE D 46 10.91 21.29 23.92
C ILE D 46 10.37 22.72 23.75
N LYS D 47 10.36 23.20 22.51
CA LYS D 47 9.79 24.51 22.21
C LYS D 47 8.32 24.61 22.64
N THR D 48 7.51 23.62 22.33
CA THR D 48 6.09 23.69 22.69
C THR D 48 5.91 23.63 24.20
N GLN D 49 6.55 22.65 24.82
CA GLN D 49 6.45 22.50 26.27
C GLN D 49 6.90 23.73 27.05
N VAL D 50 8.08 24.24 26.73
CA VAL D 50 8.62 25.36 27.50
C VAL D 50 7.79 26.61 27.24
N GLY D 51 7.41 26.81 25.97
CA GLY D 51 6.58 27.94 25.62
C GLY D 51 5.28 28.05 26.41
N SER D 52 4.72 26.91 26.78
CA SER D 52 3.44 26.87 27.50
C SER D 52 3.60 27.38 28.93
N GLY D 53 4.84 27.34 29.44
CA GLY D 53 5.08 27.66 30.83
C GLY D 53 4.93 26.46 31.78
N LYS D 54 4.41 25.35 31.26
CA LYS D 54 4.17 24.17 32.09
C LYS D 54 4.59 22.91 31.35
N PRO D 55 5.89 22.70 31.19
CA PRO D 55 6.35 21.48 30.51
C PRO D 55 6.11 20.23 31.36
N ILE D 56 5.80 19.10 30.73
CA ILE D 56 5.67 17.85 31.47
C ILE D 56 7.03 17.22 31.74
N TRP D 57 8.04 17.61 30.96
CA TRP D 57 9.41 17.09 31.13
C TRP D 57 10.30 17.96 32.01
N ASP D 58 11.16 17.33 32.80
CA ASP D 58 12.16 18.04 33.59
C ASP D 58 13.52 18.03 32.90
N VAL D 59 14.03 16.82 32.70
CA VAL D 59 15.38 16.64 32.20
C VAL D 59 15.39 16.01 30.82
N VAL D 60 16.15 16.60 29.92
CA VAL D 60 16.18 16.12 28.57
C VAL D 60 17.62 15.71 28.23
N ASP D 61 17.76 14.49 27.71
CA ASP D 61 18.99 14.02 27.11
C ASP D 61 18.86 14.18 25.59
N THR D 62 19.63 15.10 25.03
CA THR D 62 19.47 15.41 23.61
C THR D 62 20.85 15.77 23.00
N PRO D 63 21.03 15.61 21.67
CA PRO D 63 22.31 16.03 21.08
C PRO D 63 22.67 17.46 21.51
N THR D 64 23.94 17.66 21.81
CA THR D 64 24.40 18.84 22.53
C THR D 64 24.03 20.16 21.86
N GLY D 65 24.01 20.17 20.53
CA GLY D 65 23.62 21.35 19.78
C GLY D 65 22.26 21.89 20.17
N TYR D 66 21.32 21.01 20.50
CA TYR D 66 19.99 21.47 20.90
C TYR D 66 20.01 22.16 22.26
N CYS D 67 20.82 21.64 23.19
CA CYS D 67 20.96 22.29 24.48
C CYS D 67 21.48 23.71 24.29
N LEU D 68 22.48 23.88 23.44
CA LEU D 68 23.03 25.21 23.19
C LEU D 68 22.00 26.13 22.53
N ARG D 69 21.31 25.63 21.52
CA ARG D 69 20.32 26.43 20.82
C ARG D 69 19.24 26.82 21.85
N GLY D 70 18.85 25.86 22.67
CA GLY D 70 17.84 26.07 23.68
C GLY D 70 18.24 27.12 24.71
N GLY D 71 19.46 27.02 25.22
CA GLY D 71 19.98 28.01 26.14
C GLY D 71 20.00 29.38 25.51
N GLU D 72 20.39 29.47 24.24
CA GLU D 72 20.53 30.76 23.55
C GLU D 72 19.18 31.41 23.31
N GLN D 73 18.13 30.58 23.23
CA GLN D 73 16.76 31.05 23.01
C GLN D 73 15.94 31.13 24.30
N GLY D 74 16.58 30.89 25.43
CA GLY D 74 15.93 31.03 26.72
C GLY D 74 14.97 29.93 27.09
N LEU D 75 15.14 28.75 26.48
CA LEU D 75 14.22 27.63 26.71
C LEU D 75 14.75 26.70 27.80
N ILE D 76 16.04 26.83 28.10
CA ILE D 76 16.75 25.90 28.95
C ILE D 76 17.34 26.63 30.15
N GLU D 77 17.28 25.99 31.31
CA GLU D 77 17.81 26.56 32.56
C GLU D 77 19.34 26.76 32.52
N LYS D 78 19.79 27.92 32.98
CA LYS D 78 21.21 28.14 33.20
C LYS D 78 21.61 27.39 34.47
N LEU D 79 22.58 26.50 34.35
CA LEU D 79 22.98 25.65 35.48
C LEU D 79 23.89 26.35 36.47
N ASP D 80 23.56 26.21 37.75
CA ASP D 80 24.41 26.69 38.83
C ASP D 80 25.32 25.54 39.24
N PHE D 81 26.53 25.54 38.69
CA PHE D 81 27.43 24.40 38.85
C PHE D 81 27.95 24.18 40.26
N SER D 82 27.84 25.19 41.12
CA SER D 82 28.23 25.04 42.52
C SER D 82 27.24 24.15 43.25
N LYS D 83 26.14 23.80 42.59
CA LYS D 83 25.18 22.84 43.12
C LYS D 83 25.26 21.50 42.38
N ILE D 84 26.22 21.38 41.47
CA ILE D 84 26.43 20.14 40.74
C ILE D 84 27.93 19.80 40.69
N PRO D 85 28.49 19.40 41.85
CA PRO D 85 29.94 19.19 41.98
C PRO D 85 30.52 18.20 40.97
N ASN D 86 29.80 17.13 40.65
CA ASN D 86 30.34 16.17 39.70
C ASN D 86 30.55 16.79 38.32
N ALA D 87 29.64 17.68 37.94
CA ALA D 87 29.76 18.35 36.64
C ALA D 87 30.81 19.46 36.71
N ALA D 88 30.81 20.21 37.82
CA ALA D 88 31.76 21.31 37.97
C ALA D 88 33.20 20.79 37.94
N ALA D 89 33.37 19.53 38.33
CA ALA D 89 34.69 18.90 38.34
C ALA D 89 35.06 18.33 36.97
N PRO D 91 35.96 18.93 32.95
CA PRO D 91 36.67 20.01 32.28
C PRO D 91 35.68 20.88 31.53
N GLU D 92 36.01 22.16 31.37
CA GLU D 92 35.08 23.13 30.77
C GLU D 92 34.58 22.72 29.40
N ALA D 93 35.43 22.07 28.62
CA ALA D 93 35.05 21.64 27.27
C ALA D 93 33.90 20.64 27.25
N TYR D 94 33.55 20.07 28.40
CA TYR D 94 32.51 19.02 28.46
C TYR D 94 31.15 19.55 28.94
N ARG D 95 31.06 20.86 29.15
CA ARG D 95 29.80 21.44 29.56
C ARG D 95 29.61 22.82 28.97
N SER D 96 28.38 23.29 29.04
CA SER D 96 28.03 24.63 28.60
C SER D 96 27.36 25.29 29.80
N PRO D 97 26.97 26.57 29.66
CA PRO D 97 26.19 27.21 30.74
C PRO D 97 24.83 26.52 30.96
N TYR D 98 24.41 25.67 30.02
CA TYR D 98 23.06 25.13 30.02
C TYR D 98 23.01 23.61 30.12
N SER D 99 24.16 22.96 30.13
CA SER D 99 24.16 21.52 29.88
C SER D 99 25.46 20.84 30.27
N VAL D 100 25.41 19.51 30.42
CA VAL D 100 26.61 18.72 30.69
CA VAL D 100 26.61 18.72 30.69
C VAL D 100 26.64 17.50 29.79
N SER D 101 27.82 17.20 29.25
CA SER D 101 28.00 16.03 28.38
C SER D 101 27.57 14.77 29.13
N TYR D 102 26.77 13.96 28.45
CA TYR D 102 26.20 12.77 29.08
C TYR D 102 26.81 11.48 28.53
N GLU D 103 27.05 11.45 27.22
CA GLU D 103 27.68 10.30 26.56
C GLU D 103 28.09 10.66 25.14
N PHE D 104 29.08 9.92 24.63
CA PHE D 104 29.66 10.16 23.31
C PHE D 104 29.30 9.03 22.34
N TYR D 105 28.92 9.41 21.12
CA TYR D 105 28.67 8.44 20.05
C TYR D 105 29.30 8.89 18.73
N SER D 106 29.47 7.94 17.81
CA SER D 106 30.11 8.25 16.54
C SER D 106 29.26 7.86 15.34
N SER D 107 29.32 8.67 14.30
CA SER D 107 28.86 8.27 12.98
C SER D 107 30.10 7.73 12.30
N VAL D 108 30.05 6.49 11.84
CA VAL D 108 31.24 5.83 11.32
C VAL D 108 31.01 5.20 9.95
N LEU D 109 32.12 4.93 9.28
CA LEU D 109 32.09 4.18 8.04
C LEU D 109 32.00 2.68 8.35
N ALA D 110 30.81 2.11 8.23
CA ALA D 110 30.62 0.67 8.42
C ALA D 110 30.67 -0.05 7.08
N TYR D 111 31.03 -1.34 7.09
CA TYR D 111 31.15 -2.09 5.86
C TYR D 111 30.96 -3.60 6.08
N SER D 112 30.82 -4.33 4.98
CA SER D 112 30.65 -5.77 5.01
C SER D 112 31.99 -6.47 4.95
N GLN D 113 32.25 -7.37 5.90
CA GLN D 113 33.48 -8.15 5.89
C GLN D 113 33.38 -9.26 4.85
N LYS D 114 32.18 -9.49 4.33
CA LYS D 114 32.00 -10.47 3.29
C LYS D 114 32.46 -9.85 1.97
N THR D 115 32.09 -8.59 1.75
CA THR D 115 32.53 -7.90 0.54
C THR D 115 34.01 -7.52 0.67
N PHE D 116 34.41 -7.15 1.89
CA PHE D 116 35.77 -6.68 2.15
C PHE D 116 36.46 -7.49 3.24
N PRO D 117 36.83 -8.75 2.94
CA PRO D 117 37.54 -9.56 3.93
C PRO D 117 38.96 -9.03 4.14
N LYS D 118 39.39 -8.16 3.24
CA LYS D 118 40.71 -7.54 3.28
C LYS D 118 40.58 -6.18 2.62
N ASP D 119 41.46 -5.24 2.99
CA ASP D 119 41.46 -3.92 2.37
C ASP D 119 40.06 -3.30 2.34
N ALA D 120 39.48 -3.06 3.51
CA ALA D 120 38.18 -2.42 3.60
C ALA D 120 38.33 -0.93 3.35
N PRO D 121 37.24 -0.27 2.93
CA PRO D 121 37.32 1.19 2.86
C PRO D 121 37.62 1.73 4.26
N ASN D 122 38.46 2.76 4.33
CA ASN D 122 38.99 3.21 5.62
C ASN D 122 38.88 4.72 5.83
N SER D 123 38.21 5.42 4.92
CA SER D 123 38.04 6.87 5.02
C SER D 123 36.95 7.34 4.07
N TRP D 124 36.51 8.59 4.19
CA TRP D 124 35.45 9.08 3.30
C TRP D 124 35.93 9.23 1.86
N VAL D 125 37.24 9.44 1.68
CA VAL D 125 37.78 9.44 0.33
C VAL D 125 37.57 8.06 -0.30
N ASP D 126 37.76 7.01 0.49
CA ASP D 126 37.51 5.65 0.02
C ASP D 126 36.01 5.48 -0.33
N PHE D 127 35.14 5.92 0.58
CA PHE D 127 33.70 5.82 0.40
C PHE D 127 33.24 6.47 -0.93
N TRP D 128 33.86 7.59 -1.31
CA TRP D 128 33.47 8.31 -2.51
C TRP D 128 34.05 7.69 -3.80
N ASP D 129 35.03 6.81 -3.65
CA ASP D 129 35.71 6.21 -4.80
C ASP D 129 35.07 4.88 -5.16
N VAL D 130 34.05 4.94 -6.02
CA VAL D 130 33.25 3.76 -6.32
C VAL D 130 34.02 2.79 -7.21
N LYS D 131 35.06 3.30 -7.88
CA LYS D 131 35.87 2.49 -8.76
C LYS D 131 36.83 1.64 -7.95
N LYS D 132 37.45 2.24 -6.95
CA LYS D 132 38.46 1.55 -6.17
C LYS D 132 37.78 0.65 -5.14
N PHE D 133 36.58 1.04 -4.72
CA PHE D 133 35.82 0.28 -3.73
C PHE D 133 34.37 0.04 -4.19
N PRO D 134 34.18 -0.93 -5.08
CA PRO D 134 32.86 -1.26 -5.63
C PRO D 134 31.90 -1.76 -4.55
N GLY D 135 30.63 -1.41 -4.66
CA GLY D 135 29.64 -1.89 -3.72
C GLY D 135 28.52 -0.90 -3.48
N ARG D 136 27.41 -1.41 -2.94
CA ARG D 136 26.25 -0.58 -2.68
C ARG D 136 26.47 0.21 -1.41
N ARG D 137 25.98 1.44 -1.42
CA ARG D 137 26.26 2.39 -0.36
C ARG D 137 24.98 3.00 0.15
N ALA D 138 25.01 3.44 1.40
CA ALA D 138 23.91 4.20 1.99
C ALA D 138 24.49 5.30 2.85
N LEU D 139 23.80 6.43 2.87
CA LEU D 139 24.11 7.49 3.83
C LEU D 139 22.82 7.83 4.56
N ARG D 140 22.93 8.62 5.62
CA ARG D 140 21.75 9.11 6.33
C ARG D 140 21.03 10.20 5.55
N ASN D 141 19.70 10.14 5.58
CA ASN D 141 18.87 11.22 5.09
C ASN D 141 18.80 12.37 6.11
N HIS D 142 19.92 13.08 6.26
CA HIS D 142 20.04 14.21 7.18
C HIS D 142 21.39 14.82 6.99
N PRO D 143 21.53 16.13 7.13
CA PRO D 143 22.83 16.75 6.83
C PRO D 143 23.86 16.58 7.96
N ILE D 144 23.40 16.30 9.18
CA ILE D 144 24.29 16.20 10.34
C ILE D 144 25.23 15.01 10.22
N ALA D 145 26.54 15.30 10.27
CA ALA D 145 27.63 14.33 10.09
C ALA D 145 27.85 14.01 8.60
N THR D 146 26.76 13.94 7.86
CA THR D 146 26.83 13.72 6.43
C THR D 146 27.65 14.81 5.71
N LEU D 147 27.40 16.08 6.05
CA LEU D 147 28.18 17.16 5.42
C LEU D 147 29.67 17.05 5.80
N GLU D 148 29.94 16.76 7.07
CA GLU D 148 31.33 16.60 7.51
C GLU D 148 32.04 15.51 6.72
N ALA D 149 31.35 14.39 6.48
CA ALA D 149 31.95 13.29 5.74
C ALA D 149 32.23 13.69 4.29
N ALA D 150 31.28 14.37 3.66
CA ALA D 150 31.45 14.83 2.29
C ALA D 150 32.69 15.73 2.17
N LEU D 151 32.87 16.63 3.13
CA LEU D 151 34.02 17.52 3.12
C LEU D 151 35.34 16.76 3.29
N ALA D 153 35.77 13.66 2.40
CA ALA D 153 35.93 12.94 1.14
C ALA D 153 36.56 13.85 0.09
N ASP D 154 36.36 15.15 0.25
CA ASP D 154 36.92 16.10 -0.70
C ASP D 154 38.28 16.56 -0.24
N GLY D 155 38.82 15.87 0.76
CA GLY D 155 40.20 16.08 1.17
C GLY D 155 40.39 17.01 2.35
N VAL D 156 39.32 17.50 2.96
CA VAL D 156 39.49 18.37 4.13
C VAL D 156 39.93 17.56 5.36
N ALA D 157 40.92 18.05 6.10
CA ALA D 157 41.37 17.36 7.31
C ALA D 157 40.30 17.37 8.42
N PRO D 158 40.19 16.26 9.16
CA PRO D 158 39.20 16.11 10.23
C PRO D 158 39.21 17.27 11.23
N ASP D 159 40.36 17.90 11.44
CA ASP D 159 40.42 19.01 12.40
C ASP D 159 40.38 20.40 11.74
N LYS D 160 40.02 20.46 10.46
CA LYS D 160 39.93 21.74 9.76
C LYS D 160 38.59 21.92 9.04
N LEU D 161 37.57 21.22 9.52
CA LEU D 161 36.25 21.24 8.92
C LEU D 161 35.51 22.57 9.10
N TYR D 162 35.59 23.13 10.29
CA TYR D 162 34.68 24.21 10.67
C TYR D 162 35.26 25.60 10.51
N PRO D 163 34.42 26.59 10.15
CA PRO D 163 32.99 26.44 9.88
C PRO D 163 32.78 25.74 8.54
N LEU D 164 31.75 24.89 8.42
CA LEU D 164 31.62 24.05 7.24
C LEU D 164 31.47 24.86 5.96
N ASP D 165 32.16 24.44 4.91
CA ASP D 165 31.95 25.00 3.58
C ASP D 165 30.80 24.23 2.94
N VAL D 166 29.58 24.67 3.27
CA VAL D 166 28.36 23.95 2.92
C VAL D 166 28.16 23.79 1.42
N ASP D 167 28.40 24.85 0.64
CA ASP D 167 28.37 24.74 -0.81
C ASP D 167 29.24 23.57 -1.28
N ARG D 168 30.44 23.48 -0.73
CA ARG D 168 31.41 22.48 -1.19
C ARG D 168 30.94 21.09 -0.77
N ALA D 169 30.37 21.00 0.42
CA ALA D 169 29.86 19.71 0.91
C ALA D 169 28.74 19.18 0.00
N PHE D 170 27.80 20.05 -0.35
CA PHE D 170 26.70 19.66 -1.25
C PHE D 170 27.13 19.26 -2.67
N LYS D 171 28.04 20.01 -3.28
CA LYS D 171 28.59 19.60 -4.58
C LYS D 171 29.10 18.17 -4.48
N LYS D 172 29.84 17.88 -3.41
CA LYS D 172 30.41 16.55 -3.20
C LYS D 172 29.34 15.49 -3.00
N LEU D 173 28.29 15.84 -2.27
CA LEU D 173 27.17 14.93 -2.05
C LEU D 173 26.40 14.69 -3.34
N GLU D 174 26.23 15.73 -4.15
CA GLU D 174 25.57 15.56 -5.43
C GLU D 174 26.37 14.58 -6.31
N GLU D 175 27.70 14.67 -6.23
CA GLU D 175 28.57 13.77 -7.00
C GLU D 175 28.33 12.29 -6.69
N ILE D 176 28.16 11.94 -5.42
CA ILE D 176 28.00 10.56 -4.99
C ILE D 176 26.54 10.07 -5.13
N LYS D 177 25.60 11.01 -5.22
CA LYS D 177 24.17 10.71 -5.19
C LYS D 177 23.75 9.53 -6.08
N PRO D 178 24.16 9.54 -7.37
CA PRO D 178 23.71 8.44 -8.22
C PRO D 178 24.24 7.07 -7.79
N HIS D 179 25.12 7.03 -6.78
CA HIS D 179 25.70 5.78 -6.31
C HIS D 179 25.21 5.39 -4.93
N ILE D 180 24.29 6.19 -4.39
CA ILE D 180 23.73 5.88 -3.10
C ILE D 180 22.48 5.04 -3.29
N THR D 181 22.48 3.82 -2.74
CA THR D 181 21.35 2.92 -2.92
C THR D 181 20.14 3.39 -2.10
N VAL D 182 20.40 3.89 -0.90
CA VAL D 182 19.32 4.35 -0.03
C VAL D 182 19.83 5.37 0.98
N TRP D 183 18.96 6.31 1.35
CA TRP D 183 19.26 7.30 2.37
C TRP D 183 18.41 6.92 3.59
N TRP D 184 19.04 6.35 4.60
CA TRP D 184 18.26 5.76 5.69
C TRP D 184 17.71 6.84 6.61
N THR D 185 16.57 6.55 7.24
CA THR D 185 15.92 7.50 8.13
C THR D 185 15.90 7.01 9.58
N SER D 186 16.21 5.74 9.81
CA SER D 186 16.21 5.24 11.18
C SER D 186 17.37 4.32 11.48
N GLY D 187 17.77 4.24 12.74
CA GLY D 187 18.90 3.43 13.12
C GLY D 187 18.66 1.96 12.80
N ALA D 188 17.46 1.49 13.11
CA ALA D 188 17.11 0.11 12.88
C ALA D 188 17.22 -0.21 11.40
N GLN D 189 16.73 0.69 10.56
CA GLN D 189 16.88 0.53 9.12
C GLN D 189 18.35 0.43 8.74
N SER D 190 19.19 1.28 9.31
CA SER D 190 20.60 1.27 8.92
C SER D 190 21.26 -0.06 9.33
N ALA D 191 20.79 -0.64 10.43
CA ALA D 191 21.30 -1.94 10.87
C ALA D 191 20.83 -3.04 9.92
N GLN D 192 19.57 -2.96 9.52
CA GLN D 192 18.98 -3.98 8.65
C GLN D 192 19.66 -3.99 7.29
N LEU D 193 20.01 -2.80 6.79
CA LEU D 193 20.68 -2.70 5.50
C LEU D 193 22.02 -3.46 5.50
N LEU D 194 22.78 -3.36 6.59
CA LEU D 194 24.03 -4.12 6.71
C LEU D 194 23.76 -5.60 6.92
N ASN D 195 22.74 -5.91 7.72
CA ASN D 195 22.48 -7.31 8.07
C ASN D 195 22.06 -8.16 6.88
N ASP D 196 21.27 -7.59 5.97
CA ASP D 196 20.74 -8.38 4.86
C ASP D 196 21.55 -8.17 3.59
N GLY D 197 22.61 -7.37 3.69
CA GLY D 197 23.54 -7.19 2.59
C GLY D 197 23.02 -6.31 1.47
N GLU D 198 22.00 -5.51 1.76
CA GLU D 198 21.51 -4.55 0.77
C GLU D 198 22.57 -3.49 0.47
N VAL D 199 23.41 -3.17 1.46
CA VAL D 199 24.58 -2.35 1.18
C VAL D 199 25.85 -3.07 1.63
N ASP D 200 26.97 -2.68 1.04
CA ASP D 200 28.26 -3.20 1.41
C ASP D 200 28.99 -2.23 2.31
N GLU D 202 28.22 1.87 4.51
CA GLU D 202 27.32 2.98 4.78
C GLU D 202 27.85 3.79 5.96
N ALA D 204 26.98 4.91 9.53
CA ALA D 204 26.03 4.47 10.55
C ALA D 204 26.53 4.86 11.94
N TRP D 205 25.62 4.86 12.92
CA TRP D 205 26.02 5.09 14.30
C TRP D 205 26.72 3.83 14.78
N ASN D 206 27.80 4.00 15.55
CA ASN D 206 28.61 2.85 15.92
C ASN D 206 27.84 1.82 16.77
N GLY D 207 26.91 2.31 17.58
CA GLY D 207 26.09 1.43 18.40
C GLY D 207 25.25 0.48 17.58
N ARG D 208 24.68 0.98 16.47
CA ARG D 208 23.89 0.12 15.59
C ARG D 208 24.76 -0.95 14.94
N VAL D 209 25.99 -0.56 14.57
CA VAL D 209 26.85 -1.50 13.84
C VAL D 209 27.34 -2.57 14.77
N SER D 210 27.70 -2.15 15.98
CA SER D 210 28.19 -3.04 17.01
CA SER D 210 28.19 -3.04 17.01
C SER D 210 27.13 -4.08 17.36
N ALA D 211 25.88 -3.63 17.47
CA ALA D 211 24.80 -4.51 17.91
C ALA D 211 24.51 -5.56 16.85
N VAL D 212 24.56 -5.17 15.59
CA VAL D 212 24.21 -6.13 14.55
C VAL D 212 25.37 -7.11 14.35
N ALA D 213 26.59 -6.61 14.48
CA ALA D 213 27.77 -7.47 14.48
C ALA D 213 27.70 -8.53 15.57
N LYS D 214 27.34 -8.09 16.79
CA LYS D 214 27.28 -8.97 17.94
C LYS D 214 26.15 -9.99 17.77
N GLU D 215 25.19 -9.67 16.93
CA GLU D 215 24.07 -10.56 16.67
C GLU D 215 24.48 -11.65 15.68
N GLY D 216 25.60 -11.44 14.99
CA GLY D 216 26.14 -12.43 14.09
C GLY D 216 26.45 -11.97 12.68
N ALA D 217 26.08 -10.74 12.35
CA ALA D 217 26.35 -10.19 11.03
C ALA D 217 27.85 -9.98 10.79
N LYS D 218 28.32 -10.39 9.61
CA LYS D 218 29.73 -10.23 9.25
C LYS D 218 30.03 -8.80 8.77
N VAL D 219 29.94 -7.86 9.69
CA VAL D 219 30.16 -6.46 9.38
C VAL D 219 31.09 -5.87 10.41
N SER D 220 31.66 -4.72 10.08
CA SER D 220 32.51 -4.01 11.01
C SER D 220 32.49 -2.55 10.63
N PHE D 221 33.38 -1.78 11.25
CA PHE D 221 33.46 -0.35 10.95
C PHE D 221 34.81 0.14 11.42
N THR D 222 35.20 1.34 10.97
CA THR D 222 36.42 1.96 11.47
C THR D 222 36.06 3.28 12.14
N TYR D 223 36.84 3.66 13.15
CA TYR D 223 36.73 4.98 13.74
C TYR D 223 37.47 6.03 12.92
N ASN D 224 38.26 5.59 11.95
CA ASN D 224 39.04 6.53 11.16
C ASN D 224 38.10 7.48 10.39
N GLN D 225 38.30 8.78 10.59
CA GLN D 225 37.44 9.82 10.03
C GLN D 225 36.00 9.72 10.50
N GLY D 226 35.76 8.97 11.57
CA GLY D 226 34.46 8.97 12.21
C GLY D 226 34.10 10.38 12.65
N ILE D 227 32.81 10.64 12.83
CA ILE D 227 32.38 11.93 13.38
C ILE D 227 31.93 11.76 14.83
N LEU D 228 32.71 12.30 15.74
CA LEU D 228 32.52 12.11 17.18
C LEU D 228 31.52 13.13 17.71
N GLN D 229 30.43 12.63 18.29
CA GLN D 229 29.29 13.43 18.72
C GLN D 229 28.94 13.16 20.18
N SER D 230 27.97 13.90 20.71
CA SER D 230 27.53 13.67 22.08
CA SER D 230 27.56 13.70 22.10
C SER D 230 26.11 14.12 22.32
N THR D 231 25.46 13.53 23.33
CA THR D 231 24.23 14.11 23.87
C THR D 231 24.64 14.73 25.21
N SER D 232 23.81 15.63 25.68
CA SER D 232 24.04 16.32 26.95
C SER D 232 22.72 16.37 27.73
N LEU D 233 22.81 16.47 29.05
CA LEU D 233 21.62 16.66 29.89
C LEU D 233 21.39 18.15 30.09
N CYS D 234 20.14 18.57 30.05
CA CYS D 234 19.77 19.95 30.40
C CYS D 234 18.40 19.94 31.07
N ILE D 235 18.05 21.04 31.71
CA ILE D 235 16.78 21.17 32.43
C ILE D 235 15.92 22.23 31.75
N LEU D 236 14.65 21.90 31.50
CA LEU D 236 13.80 22.84 30.79
C LEU D 236 13.37 23.97 31.70
N LYS D 237 13.34 25.20 31.16
CA LYS D 237 12.77 26.30 31.92
C LYS D 237 11.32 25.99 32.31
N GLY D 238 10.97 26.27 33.56
CA GLY D 238 9.64 25.96 34.04
C GLY D 238 9.50 24.50 34.45
N ALA D 239 10.58 23.72 34.41
CA ALA D 239 10.54 22.35 34.92
C ALA D 239 9.75 22.26 36.24
N PRO D 240 8.74 21.39 36.30
CA PRO D 240 7.94 21.34 37.53
C PRO D 240 8.70 20.76 38.72
N ASN D 241 9.86 20.16 38.47
CA ASN D 241 10.65 19.57 39.57
C ASN D 241 12.10 20.00 39.49
N LEU D 242 12.31 21.32 39.38
CA LEU D 242 13.62 21.89 39.14
C LEU D 242 14.65 21.44 40.18
N GLU D 243 14.32 21.62 41.45
CA GLU D 243 15.25 21.31 42.52
C GLU D 243 15.66 19.84 42.50
N THR D 244 14.70 18.94 42.35
CA THR D 244 15.00 17.51 42.24
C THR D 244 15.81 17.19 40.98
N ALA D 245 15.50 17.88 39.89
CA ALA D 245 16.20 17.68 38.63
C ALA D 245 17.68 18.02 38.76
N VAL D 246 17.99 19.07 39.53
CA VAL D 246 19.36 19.50 39.70
C VAL D 246 20.14 18.44 40.47
N LYS D 247 19.53 17.90 41.50
CA LYS D 247 20.16 16.86 42.30
C LYS D 247 20.43 15.63 41.43
N PHE D 248 19.48 15.28 40.58
CA PHE D 248 19.62 14.16 39.67
C PHE D 248 20.79 14.36 38.70
N LEU D 249 20.93 15.58 38.19
CA LEU D 249 21.97 15.91 37.23
C LEU D 249 23.33 15.53 37.82
N ASN D 250 23.51 15.85 39.09
CA ASN D 250 24.74 15.54 39.79
C ASN D 250 25.04 14.03 39.82
N GLU D 251 24.00 13.22 40.05
CA GLU D 251 24.19 11.77 40.07
C GLU D 251 24.35 11.19 38.66
N ALA D 252 23.73 11.82 37.68
CA ALA D 252 23.76 11.28 36.31
C ALA D 252 25.15 11.34 35.71
N VAL D 253 25.99 12.26 36.18
CA VAL D 253 27.37 12.34 35.71
C VAL D 253 28.38 11.92 36.78
N ASP D 254 27.89 11.22 37.79
CA ASP D 254 28.80 10.58 38.76
C ASP D 254 29.77 9.66 38.01
N PRO D 255 31.07 9.73 38.31
CA PRO D 255 31.99 8.89 37.53
C PRO D 255 31.62 7.40 37.49
N VAL D 256 31.22 6.81 38.62
CA VAL D 256 30.97 5.37 38.64
C VAL D 256 29.70 5.00 37.83
N HIS D 257 28.64 5.78 37.98
CA HIS D 257 27.43 5.56 37.17
C HIS D 257 27.79 5.64 35.70
N GLN D 258 28.44 6.73 35.34
CA GLN D 258 28.89 6.99 33.96
C GLN D 258 29.75 5.87 33.42
N ALA D 259 30.63 5.34 34.27
CA ALA D 259 31.53 4.26 33.88
C ALA D 259 30.74 2.99 33.59
N ASN D 260 29.56 2.87 34.20
CA ASN D 260 28.75 1.69 33.99
C ASN D 260 28.01 1.69 32.67
N LEU D 261 27.79 2.86 32.08
CA LEU D 261 27.06 2.93 30.81
C LEU D 261 27.71 2.04 29.74
N PRO D 262 29.04 2.21 29.53
CA PRO D 262 29.73 1.41 28.52
C PRO D 262 29.72 -0.10 28.78
N LEU D 263 29.34 -0.54 29.99
CA LEU D 263 29.22 -1.97 30.23
C LEU D 263 27.97 -2.52 29.56
N HIS D 264 27.06 -1.62 29.17
CA HIS D 264 25.77 -2.08 28.63
C HIS D 264 25.51 -1.61 27.20
N ILE D 265 26.29 -0.65 26.73
CA ILE D 265 26.17 -0.18 25.37
C ILE D 265 27.48 0.49 24.90
N ASP D 266 27.74 0.45 23.61
CA ASP D 266 29.00 0.86 22.99
C ASP D 266 29.16 2.38 22.86
N TYR D 267 28.77 3.13 23.89
CA TYR D 267 28.89 4.59 23.87
C TYR D 267 29.81 5.03 25.00
N GLY D 268 30.54 6.12 24.79
CA GLY D 268 31.51 6.56 25.77
C GLY D 268 30.87 7.45 26.81
N PRO D 269 31.44 7.47 28.02
CA PRO D 269 30.95 8.32 29.12
C PRO D 269 31.09 9.82 28.83
N GLY D 270 30.02 10.58 29.10
CA GLY D 270 30.11 12.03 29.01
C GLY D 270 31.21 12.56 29.91
N ASN D 271 31.35 11.94 31.08
CA ASN D 271 32.31 12.36 32.09
C ASN D 271 33.58 11.54 31.97
N PRO D 272 34.68 12.17 31.51
CA PRO D 272 35.89 11.37 31.27
C PRO D 272 36.48 10.78 32.55
N LYS D 273 36.03 11.26 33.72
CA LYS D 273 36.56 10.71 34.95
C LYS D 273 36.12 9.25 35.11
N ALA D 274 35.13 8.85 34.33
CA ALA D 274 34.68 7.45 34.32
C ALA D 274 35.85 6.49 34.06
N PHE D 275 36.78 6.90 33.20
CA PHE D 275 37.92 6.04 32.91
C PHE D 275 38.83 5.87 34.12
N GLU D 276 38.64 6.68 35.15
CA GLU D 276 39.51 6.56 36.33
C GLU D 276 39.01 5.53 37.35
N THR D 277 37.81 4.97 37.13
CA THR D 277 37.17 4.11 38.12
C THR D 277 37.58 2.64 38.08
N ASN D 278 38.18 2.22 36.98
CA ASN D 278 38.49 0.81 36.78
C ASN D 278 37.24 -0.04 36.69
N VAL D 279 36.14 0.56 36.25
CA VAL D 279 34.91 -0.17 35.98
C VAL D 279 34.94 -0.69 34.54
N ILE D 280 35.50 0.12 33.64
CA ILE D 280 35.63 -0.25 32.24
C ILE D 280 36.93 -1.00 31.95
N LYS D 281 36.81 -2.27 31.59
CA LYS D 281 37.98 -3.09 31.24
C LYS D 281 38.66 -2.60 29.95
N PRO D 282 39.98 -2.82 29.86
CA PRO D 282 40.82 -2.33 28.75
C PRO D 282 40.24 -2.71 27.39
N GLU D 283 39.89 -3.97 27.22
CA GLU D 283 39.31 -4.48 25.97
C GLU D 283 38.07 -3.68 25.60
N ARG D 284 37.13 -3.60 26.53
CA ARG D 284 35.92 -2.83 26.34
C ARG D 284 36.22 -1.37 25.98
N ALA D 285 37.14 -0.76 26.71
CA ALA D 285 37.42 0.66 26.49
C ALA D 285 37.88 0.91 25.06
N ALA D 286 38.58 -0.05 24.49
CA ALA D 286 39.11 0.05 23.14
C ALA D 286 38.02 0.17 22.08
N GLN D 287 36.80 -0.16 22.45
CA GLN D 287 35.69 -0.14 21.51
C GLN D 287 34.91 1.17 21.53
N LEU D 288 35.23 2.06 22.46
CA LEU D 288 34.36 3.22 22.71
C LEU D 288 34.73 4.43 21.87
N PRO D 289 33.73 5.17 21.38
CA PRO D 289 33.93 6.36 20.55
C PRO D 289 34.87 7.39 21.15
N SER D 290 34.86 7.56 22.48
CA SER D 290 35.58 8.66 23.09
C SER D 290 36.84 8.23 23.83
N GLU D 291 37.20 6.95 23.74
CA GLU D 291 38.53 6.53 24.20
C GLU D 291 39.59 7.36 23.43
N PRO D 292 40.62 7.86 24.13
CA PRO D 292 41.59 8.78 23.52
C PRO D 292 42.07 8.42 22.11
N ALA D 293 42.49 7.18 21.90
CA ALA D 293 42.98 6.78 20.58
C ALA D 293 41.88 6.77 19.51
N ASN D 294 40.65 6.39 19.87
CA ASN D 294 39.53 6.45 18.93
C ASN D 294 39.14 7.88 18.62
N ALA D 295 39.03 8.70 19.67
CA ALA D 295 38.68 10.11 19.50
C ALA D 295 39.71 10.85 18.61
N ALA D 296 40.99 10.55 18.81
CA ALA D 296 42.05 11.17 18.02
C ALA D 296 41.92 10.90 16.51
N LYS D 297 41.23 9.83 16.14
CA LYS D 297 41.04 9.50 14.72
C LYS D 297 39.85 10.22 14.08
N GLN D 298 39.06 10.90 14.90
CA GLN D 298 37.77 11.40 14.41
C GLN D 298 37.72 12.91 14.32
N ALA D 299 36.77 13.40 13.54
CA ALA D 299 36.40 14.81 13.54
C ALA D 299 35.48 15.03 14.74
N LEU D 300 35.77 16.05 15.54
CA LEU D 300 34.93 16.33 16.68
C LEU D 300 33.86 17.28 16.23
N SER D 302 31.32 20.10 15.88
CA SER D 302 31.20 21.42 16.49
C SER D 302 29.74 21.83 16.67
N TYR D 303 29.29 21.75 17.91
CA TYR D 303 27.93 22.13 18.25
C TYR D 303 27.73 23.65 18.21
N ALA D 304 28.80 24.42 18.35
CA ALA D 304 28.73 25.86 18.16
C ALA D 304 28.25 26.12 16.73
N TRP D 305 28.80 25.38 15.78
CA TRP D 305 28.46 25.57 14.37
C TRP D 305 27.04 25.11 14.05
N TRP D 306 26.68 23.93 14.53
CA TRP D 306 25.34 23.38 14.27
C TRP D 306 24.21 24.09 15.01
N SER D 307 24.50 24.62 16.20
CA SER D 307 23.48 25.37 16.93
C SER D 307 23.28 26.78 16.36
N SER D 308 24.24 27.26 15.56
CA SER D 308 24.16 28.62 15.00
C SER D 308 23.19 28.71 13.80
N PRO D 309 22.96 29.93 13.27
CA PRO D 309 22.13 30.08 12.06
C PRO D 309 22.68 29.31 10.84
N ALA D 310 23.99 29.14 10.72
CA ALA D 310 24.52 28.36 9.60
C ALA D 310 24.02 26.90 9.63
N GLY D 311 23.89 26.35 10.83
CA GLY D 311 23.37 25.00 10.99
C GLY D 311 21.94 24.91 10.50
N GLU D 312 21.11 25.87 10.90
CA GLU D 312 19.72 25.92 10.47
C GLU D 312 19.61 26.01 8.96
N ALA D 313 20.44 26.88 8.37
CA ALA D 313 20.42 27.07 6.92
C ALA D 313 20.84 25.78 6.23
N ALA D 314 21.80 25.08 6.81
CA ALA D 314 22.24 23.83 6.22
C ALA D 314 21.07 22.85 6.19
N GLU D 315 20.30 22.83 7.27
CA GLU D 315 19.17 21.93 7.38
C GLU D 315 18.09 22.22 6.34
N LYS D 316 17.86 23.51 6.06
CA LYS D 316 16.86 23.95 5.09
C LYS D 316 17.25 23.56 3.66
N ARG D 317 18.55 23.59 3.38
CA ARG D 317 19.07 23.16 2.10
C ARG D 317 18.93 21.65 1.91
N TRP D 318 18.91 20.90 3.00
CA TRP D 318 18.77 19.45 2.89
C TRP D 318 17.54 19.03 2.10
N ALA D 319 16.39 19.60 2.45
CA ALA D 319 15.16 19.23 1.77
C ALA D 319 15.31 19.43 0.26
N SER D 320 15.81 20.61 -0.12
CA SER D 320 16.07 20.92 -1.53
C SER D 320 17.01 19.90 -2.17
N PHE D 321 18.08 19.54 -1.46
CA PHE D 321 19.06 18.59 -1.97
C PHE D 321 18.51 17.23 -2.35
N GLN D 323 16.34 15.91 -3.94
CA GLN D 323 15.97 15.62 -5.33
C GLN D 323 17.11 15.99 -6.28
#